data_9BE6
#
_entry.id   9BE6
#
_cell.length_a   1.00
_cell.length_b   1.00
_cell.length_c   1.00
_cell.angle_alpha   90.00
_cell.angle_beta   90.00
_cell.angle_gamma   90.00
#
_symmetry.space_group_name_H-M   'P 1'
#
loop_
_entity.id
_entity.type
_entity.pdbx_description
1 polymer 'Histone H3.2'
2 polymer 'Histone H4'
3 polymer 'Histone H2A type 1'
4 polymer 'Histone H2B type 1-J'
5 polymer 'Histone H3.2'
6 polymer 'Histone H4'
7 polymer 'Histone H2A type 1-B/E'
8 polymer 'Histone H2B type 1-J'
9 polymer 'DNA (145-MER)'
10 polymer 'DNA (145-MER)'
#
loop_
_entity_poly.entity_id
_entity_poly.type
_entity_poly.pdbx_seq_one_letter_code
_entity_poly.pdbx_strand_id
1 'polypeptide(L)'
;PHRYRPGTVALREIRRYQKSTELLIRKLPFQRLVREIAQDFKTDLRFQSSAVMALQEASEAYLVALFEDTNLCAIHAKRV
TIMPKDIQLARRIRGER
;
A
2 'polypeptide(L)'
;KVLRDNIQGITKPAIRRLARRGGVKRISGLIYEETRGVLKVFLENVIRDAVTYTEHAKRKTVTAMDVVYALKRQGRTLYG
FGG
;
B
3 'polypeptide(L)'
;TRSSRAGLQFPVGRVHRLLRKGNYAERVGAGAPVYLAAVLEYLTAEILELAGNAARDNKKTRIIPRHLQLAVRNDEELNK
LLGRVTIAQGGVLPNIQSVLLPK
;
C
4 'polypeptide(L)'
;KTRKESYAIYVYKVLKQVHPDTGISSKAMSIMNSFVNDVFERIAGEASRLAHYNKRSTITSREIQTAVRLLLPGELAKHA
VSEGTKAVTKYTSAK
;
D
5 'polypeptide(L)'
;HRYRPGTVALREIRRYQKSTELLIRKLPFQRLVREIAQDFKTDLRFQSSAVMALQEASEAYLVALFEDTNLCAIHAKRVT
IMPKDIQLARRIRGERA
;
E
6 'polypeptide(L)' NIQGITKPAIRRLARRGGVKRISGLIYEETRGVLKVFLENVIRDAVTYTEHAKRKTVTAMDVVYALKRQGRTLYGFGG F
7 'polypeptide(L)'
;AKTRSSRAGLQFPVGRVHRLLRKGNYAERVGAGAPVYLAAVLEYLTAEILELAGNAARDNKKTRIIPRHLQLAVRNDEEL
NKLLGRVTIAQGGVLPNIQSVLLPK
;
G
8 'polypeptide(L)'
;TRKESYAIYVYKVLKQVHPDTGISSKAMSIMNSFVNDVFERIAGEASRLAHYNKRSTITSREIQTAVRLLLPGELAKHAV
SEGTKAVTKYTSA
;
H
9 'polydeoxyribonucleotide'
;(DA)(DT)(DC)(DA)(DG)(DA)(DA)(DT)(DC)(DC)(DC)(DG)(DG)(DT)(DG)(DC)(DC)(DG)(DA)(DG)
(DG)(DC)(DC)(DG)(DC)(DT)(DC)(DA)(DA)(DT)(DT)(DG)(DG)(DT)(DC)(DG)(DT)(DA)(DG)(DA)
(DC)(DA)(DG)(DC)(DT)(DC)(DT)(DA)(DG)(DC)(DA)(DC)(DC)(DG)(DC)(DT)(DT)(DA)(DA)(DA)
(DC)(DG)(DC)(DA)(DC)(DG)(DT)(DA)(DC)(DG)(DC)(DG)(DC)(DT)(DG)(DT)(DC)(DC)(DC)(DC)
(DC)(DG)(DC)(DG)(DT)(DT)(DT)(DT)(DA)(DA)(DC)(DC)(DG)(DC)(DC)(DA)(DA)(DG)(DG)(DG)
(DG)(DA)(DT)(DT)(DA)(DC)(DT)(DC)(DC)(DC)(DT)(DA)(DG)(DT)(DC)(DT)(DC)(DC)(DA)(DG)
(DG)(DC)(DA)(DC)(DG)(DT)(DG)(DT)(DC)(DA)(DG)(DA)(DT)(DA)(DT)(DA)(DT)(DA)(DC)(DA)
(DT)(DC)(DG)(DA)(DT)
;
I
10 'polydeoxyribonucleotide'
;(DA)(DT)(DC)(DG)(DA)(DT)(DG)(DT)(DA)(DT)(DA)(DT)(DA)(DT)(DC)(DT)(DG)(DA)(DC)(DA)
(DC)(DG)(DT)(DG)(DC)(DC)(DT)(DG)(DG)(DA)(DG)(DA)(DC)(DT)(DA)(DG)(DG)(DG)(DA)(DG)
(DT)(DA)(DA)(DT)(DC)(DC)(DC)(DC)(DT)(DT)(DG)(DG)(DC)(DG)(DG)(DT)(DT)(DA)(DA)(DA)
(DA)(DC)(DG)(DC)(DG)(DG)(DG)(DG)(DG)(DA)(DC)(DA)(DG)(DC)(DG)(DC)(DG)(DT)(DA)(DC)
(DG)(DT)(DG)(DC)(DG)(DT)(DT)(DT)(DA)(DA)(DG)(DC)(DG)(DG)(DT)(DG)(DC)(DT)(DA)(DG)
(DA)(DG)(DC)(DT)(DG)(DT)(DC)(DT)(DA)(DC)(DG)(DA)(DC)(DC)(DA)(DA)(DT)(DT)(DG)(DA)
(DG)(DC)(DG)(DG)(DC)(DC)(DT)(DC)(DG)(DG)(DC)(DA)(DC)(DC)(DG)(DG)(DG)(DA)(DT)(DT)
(DC)(DT)(DG)(DA)(DT)
;
J
#
loop_
_chem_comp.id
_chem_comp.type
_chem_comp.name
_chem_comp.formula
DA DNA linking 2'-DEOXYADENOSINE-5'-MONOPHOSPHATE 'C10 H14 N5 O6 P'
DC DNA linking 2'-DEOXYCYTIDINE-5'-MONOPHOSPHATE 'C9 H14 N3 O7 P'
DG DNA linking 2'-DEOXYGUANOSINE-5'-MONOPHOSPHATE 'C10 H14 N5 O7 P'
DT DNA linking THYMIDINE-5'-MONOPHOSPHATE 'C10 H15 N2 O8 P'
#
# COMPACT_ATOMS: atom_id res chain seq x y z
N PRO A 1 -0.73 38.33 41.91
CA PRO A 1 -0.12 37.00 41.95
C PRO A 1 0.88 36.77 40.83
N HIS A 2 1.14 35.50 40.51
CA HIS A 2 2.11 35.12 39.48
C HIS A 2 1.37 34.47 38.33
N ARG A 3 1.73 34.84 37.11
CA ARG A 3 1.07 34.33 35.90
C ARG A 3 2.13 34.13 34.82
N TYR A 4 2.21 32.92 34.29
CA TYR A 4 3.08 32.66 33.15
C TYR A 4 2.50 33.28 31.89
N ARG A 5 3.38 33.79 31.04
CA ARG A 5 2.93 34.35 29.77
C ARG A 5 2.48 33.23 28.83
N PRO A 6 1.51 33.50 27.95
CA PRO A 6 0.99 32.44 27.07
C PRO A 6 2.08 31.86 26.17
N GLY A 7 2.00 30.55 25.96
CA GLY A 7 2.96 29.84 25.14
C GLY A 7 3.99 29.03 25.89
N THR A 8 4.15 29.28 27.19
CA THR A 8 5.13 28.53 28.00
C THR A 8 4.57 27.20 28.47
N VAL A 9 3.38 27.23 29.07
CA VAL A 9 2.75 25.99 29.54
C VAL A 9 2.45 25.07 28.36
N ALA A 10 2.21 25.63 27.18
CA ALA A 10 2.00 24.81 25.99
C ALA A 10 3.25 24.01 25.64
N LEU A 11 4.41 24.67 25.67
CA LEU A 11 5.67 23.96 25.42
C LEU A 11 5.95 22.93 26.50
N ARG A 12 5.64 23.27 27.75
CA ARG A 12 5.84 22.33 28.85
C ARG A 12 4.97 21.08 28.65
N GLU A 13 3.71 21.27 28.24
CA GLU A 13 2.84 20.14 27.96
C GLU A 13 3.33 19.34 26.76
N ILE A 14 3.84 20.01 25.74
CA ILE A 14 4.38 19.30 24.58
C ILE A 14 5.50 18.37 25.01
N ARG A 15 6.43 18.88 25.81
CA ARG A 15 7.52 18.05 26.30
C ARG A 15 7.01 16.90 27.16
N ARG A 16 6.06 17.20 28.06
CA ARG A 16 5.53 16.17 28.96
C ARG A 16 4.89 15.03 28.17
N TYR A 17 4.06 15.35 27.18
CA TYR A 17 3.31 14.32 26.47
C TYR A 17 4.09 13.67 25.35
N GLN A 18 5.20 14.27 24.91
CA GLN A 18 6.11 13.52 24.04
C GLN A 18 7.04 12.63 24.83
N LYS A 19 7.21 12.90 26.13
CA LYS A 19 8.07 12.06 26.96
C LYS A 19 7.41 10.74 27.33
N SER A 20 6.08 10.71 27.46
CA SER A 20 5.37 9.55 27.99
C SER A 20 4.87 8.64 26.89
N THR A 21 4.23 7.53 27.29
CA THR A 21 3.69 6.55 26.36
C THR A 21 2.28 6.07 26.68
N GLU A 22 1.59 6.72 27.62
CA GLU A 22 0.25 6.29 28.01
C GLU A 22 -0.76 6.59 26.90
N LEU A 23 -1.92 5.94 26.99
CA LEU A 23 -3.03 6.30 26.13
C LEU A 23 -3.68 7.58 26.62
N LEU A 24 -4.20 8.38 25.69
CA LEU A 24 -4.64 9.73 26.02
C LEU A 24 -6.15 9.87 26.15
N ILE A 25 -6.91 8.90 25.69
CA ILE A 25 -8.37 8.97 25.75
C ILE A 25 -8.86 8.06 26.88
N ARG A 26 -9.98 8.44 27.50
CA ARG A 26 -10.57 7.61 28.54
C ARG A 26 -11.09 6.30 27.95
N LYS A 27 -11.09 5.25 28.76
CA LYS A 27 -11.33 3.90 28.25
C LYS A 27 -12.81 3.62 28.03
N LEU A 28 -13.64 3.89 29.04
CA LEU A 28 -15.06 3.55 28.96
C LEU A 28 -15.79 4.28 27.85
N PRO A 29 -15.61 5.61 27.67
CA PRO A 29 -16.25 6.26 26.51
C PRO A 29 -15.83 5.68 25.17
N PHE A 30 -14.56 5.31 25.01
CA PHE A 30 -14.12 4.71 23.74
C PHE A 30 -14.76 3.34 23.52
N GLN A 31 -14.82 2.53 24.58
CA GLN A 31 -15.47 1.23 24.46
C GLN A 31 -16.94 1.39 24.08
N ARG A 32 -17.62 2.34 24.71
CA ARG A 32 -19.02 2.59 24.42
C ARG A 32 -19.22 3.04 22.97
N LEU A 33 -18.33 3.91 22.48
CA LEU A 33 -18.39 4.36 21.09
C LEU A 33 -18.18 3.21 20.12
N VAL A 34 -17.21 2.33 20.42
CA VAL A 34 -16.95 1.19 19.54
C VAL A 34 -18.18 0.29 19.45
N ARG A 35 -18.81 0.00 20.60
CA ARG A 35 -20.01 -0.83 20.58
C ARG A 35 -21.14 -0.16 19.82
N GLU A 36 -21.31 1.16 19.99
CA GLU A 36 -22.33 1.87 19.24
C GLU A 36 -22.10 1.79 17.73
N ILE A 37 -20.85 1.97 17.29
CA ILE A 37 -20.56 1.86 15.87
C ILE A 37 -20.88 0.45 15.38
N ALA A 38 -20.45 -0.57 16.13
CA ALA A 38 -20.61 -1.95 15.67
C ALA A 38 -22.05 -2.42 15.67
N GLN A 39 -22.94 -1.77 16.43
CA GLN A 39 -24.36 -2.17 16.39
C GLN A 39 -24.96 -2.09 14.99
N ASP A 40 -24.47 -1.16 14.16
CA ASP A 40 -25.06 -0.93 12.85
C ASP A 40 -24.78 -2.06 11.86
N PHE A 41 -23.90 -3.01 12.20
CA PHE A 41 -23.45 -4.03 11.27
C PHE A 41 -24.04 -5.40 11.57
N LYS A 42 -23.90 -5.88 12.81
CA LYS A 42 -24.48 -7.16 13.21
C LYS A 42 -24.97 -7.01 14.64
N THR A 43 -26.15 -7.56 14.92
CA THR A 43 -26.76 -7.43 16.24
C THR A 43 -26.17 -8.44 17.21
N ASP A 44 -26.12 -8.05 18.49
CA ASP A 44 -25.72 -8.94 19.59
C ASP A 44 -24.30 -9.43 19.42
N LEU A 45 -23.37 -8.50 19.27
CA LEU A 45 -21.95 -8.81 19.13
C LEU A 45 -21.25 -8.72 20.47
N ARG A 46 -20.22 -9.54 20.65
CA ARG A 46 -19.38 -9.49 21.82
C ARG A 46 -17.95 -9.20 21.40
N PHE A 47 -17.21 -8.53 22.29
CA PHE A 47 -15.84 -8.10 22.01
C PHE A 47 -14.91 -8.65 23.08
N GLN A 48 -13.75 -9.12 22.65
CA GLN A 48 -12.66 -9.35 23.58
C GLN A 48 -12.07 -8.01 24.00
N SER A 49 -11.51 -7.98 25.21
CA SER A 49 -10.92 -6.73 25.71
C SER A 49 -9.71 -6.32 24.88
N SER A 50 -8.89 -7.29 24.48
CA SER A 50 -7.72 -6.97 23.67
C SER A 50 -8.10 -6.39 22.31
N ALA A 51 -9.28 -6.75 21.80
CA ALA A 51 -9.75 -6.15 20.55
C ALA A 51 -9.98 -4.65 20.72
N VAL A 52 -10.65 -4.25 21.80
CA VAL A 52 -10.89 -2.84 22.05
C VAL A 52 -9.57 -2.11 22.29
N MET A 53 -8.64 -2.77 22.98
CA MET A 53 -7.34 -2.15 23.23
C MET A 53 -6.59 -1.91 21.93
N ALA A 54 -6.62 -2.89 21.01
CA ALA A 54 -5.97 -2.71 19.72
C ALA A 54 -6.61 -1.58 18.92
N LEU A 55 -7.94 -1.51 18.95
CA LEU A 55 -8.63 -0.41 18.25
C LEU A 55 -8.20 0.94 18.80
N GLN A 56 -8.09 1.06 20.13
CA GLN A 56 -7.68 2.33 20.72
C GLN A 56 -6.25 2.69 20.34
N GLU A 57 -5.33 1.72 20.37
CA GLU A 57 -3.95 1.97 19.96
C GLU A 57 -3.90 2.51 18.54
N ALA A 58 -4.58 1.83 17.62
CA ALA A 58 -4.56 2.24 16.22
C ALA A 58 -5.14 3.63 16.03
N SER A 59 -6.27 3.91 16.69
CA SER A 59 -6.91 5.22 16.53
C SER A 59 -6.01 6.34 17.03
N GLU A 60 -5.37 6.14 18.18
CA GLU A 60 -4.52 7.19 18.72
C GLU A 60 -3.30 7.44 17.83
N ALA A 61 -2.67 6.38 17.33
CA ALA A 61 -1.53 6.57 16.44
C ALA A 61 -1.95 7.32 15.17
N TYR A 62 -3.10 6.96 14.60
CA TYR A 62 -3.58 7.63 13.40
C TYR A 62 -3.80 9.12 13.64
N LEU A 63 -4.46 9.46 14.75
CA LEU A 63 -4.73 10.86 15.05
C LEU A 63 -3.45 11.65 15.28
N VAL A 64 -2.47 11.05 15.96
CA VAL A 64 -1.21 11.77 16.19
C VAL A 64 -0.50 12.06 14.86
N ALA A 65 -0.47 11.09 13.96
CA ALA A 65 0.16 11.34 12.66
C ALA A 65 -0.56 12.42 11.88
N LEU A 66 -1.90 12.40 11.90
CA LEU A 66 -2.68 13.43 11.23
C LEU A 66 -2.38 14.81 11.80
N PHE A 67 -2.22 14.91 13.12
CA PHE A 67 -1.91 16.19 13.74
C PHE A 67 -0.52 16.70 13.37
N GLU A 68 0.46 15.79 13.24
CA GLU A 68 1.77 16.22 12.78
C GLU A 68 1.70 16.81 11.36
N ASP A 69 0.98 16.13 10.46
CA ASP A 69 0.82 16.68 9.11
C ASP A 69 0.09 18.01 9.14
N THR A 70 -0.93 18.15 9.99
CA THR A 70 -1.64 19.41 10.11
C THR A 70 -0.74 20.53 10.58
N ASN A 71 0.15 20.25 11.54
CA ASN A 71 1.09 21.27 11.99
C ASN A 71 2.02 21.70 10.86
N LEU A 72 2.51 20.74 10.06
CA LEU A 72 3.33 21.11 8.91
C LEU A 72 2.58 22.02 7.96
N CYS A 73 1.33 21.69 7.66
CA CYS A 73 0.53 22.51 6.76
C CYS A 73 0.31 23.91 7.32
N ALA A 74 0.08 24.00 8.64
CA ALA A 74 -0.09 25.31 9.27
C ALA A 74 1.16 26.16 9.17
N ILE A 75 2.34 25.55 9.41
CA ILE A 75 3.59 26.31 9.33
C ILE A 75 3.85 26.76 7.90
N HIS A 76 3.44 25.97 6.91
CA HIS A 76 3.65 26.35 5.51
C HIS A 76 3.02 27.70 5.20
N ALA A 77 1.85 28.00 5.77
CA ALA A 77 1.13 29.23 5.48
C ALA A 77 1.46 30.37 6.45
N LYS A 78 2.61 30.30 7.13
CA LYS A 78 3.09 31.37 8.01
C LYS A 78 2.14 31.63 9.16
N ARG A 79 1.69 30.56 9.82
CA ARG A 79 0.81 30.63 10.96
C ARG A 79 1.35 29.77 12.10
N VAL A 80 0.70 29.85 13.24
CA VAL A 80 1.04 29.01 14.39
C VAL A 80 -0.19 28.25 14.83
N THR A 81 -1.37 28.80 14.55
CA THR A 81 -2.64 28.21 14.91
C THR A 81 -3.08 27.24 13.83
N ILE A 82 -3.48 26.03 14.23
CA ILE A 82 -3.98 25.05 13.27
C ILE A 82 -5.48 25.27 13.09
N MET A 83 -5.95 25.09 11.86
CA MET A 83 -7.33 25.35 11.48
C MET A 83 -7.85 24.18 10.66
N PRO A 84 -9.17 24.04 10.51
CA PRO A 84 -9.71 22.89 9.78
C PRO A 84 -9.21 22.75 8.36
N LYS A 85 -8.96 23.85 7.66
CA LYS A 85 -8.49 23.76 6.28
C LYS A 85 -7.13 23.08 6.20
N ASP A 86 -6.32 23.17 7.26
CA ASP A 86 -5.06 22.45 7.31
C ASP A 86 -5.30 20.94 7.32
N ILE A 87 -6.27 20.50 8.13
CA ILE A 87 -6.64 19.08 8.17
C ILE A 87 -7.14 18.63 6.81
N GLN A 88 -7.99 19.45 6.18
CA GLN A 88 -8.52 19.09 4.88
C GLN A 88 -7.42 18.95 3.83
N LEU A 89 -6.47 19.90 3.81
CA LEU A 89 -5.37 19.82 2.85
C LEU A 89 -4.51 18.59 3.11
N ALA A 90 -4.21 18.31 4.37
CA ALA A 90 -3.40 17.14 4.68
C ALA A 90 -4.08 15.85 4.23
N ARG A 91 -5.39 15.72 4.51
CA ARG A 91 -6.09 14.50 4.14
C ARG A 91 -6.24 14.38 2.63
N ARG A 92 -6.38 15.50 1.92
CA ARG A 92 -6.49 15.45 0.47
C ARG A 92 -5.17 15.04 -0.17
N ILE A 93 -4.05 15.56 0.35
CA ILE A 93 -2.75 15.19 -0.22
C ILE A 93 -2.41 13.74 0.09
N ARG A 94 -2.73 13.29 1.31
CA ARG A 94 -2.46 11.90 1.68
C ARG A 94 -3.27 10.90 0.86
N GLY A 95 -4.34 11.34 0.22
CA GLY A 95 -5.16 10.47 -0.60
C GLY A 95 -6.37 9.88 0.07
N GLU A 96 -6.95 10.57 1.05
CA GLU A 96 -8.05 10.03 1.83
C GLU A 96 -9.36 10.68 1.42
N ARG A 97 -10.39 9.86 1.26
CA ARG A 97 -11.71 10.36 0.89
C ARG A 97 -12.58 10.59 2.11
N LYS B 1 -28.02 -2.41 26.09
CA LYS B 1 -28.81 -1.19 26.12
C LYS B 1 -28.50 -0.33 24.89
N VAL B 2 -29.47 0.49 24.49
CA VAL B 2 -29.31 1.33 23.31
C VAL B 2 -28.23 2.38 23.57
N LEU B 3 -27.37 2.58 22.58
CA LEU B 3 -26.29 3.56 22.66
C LEU B 3 -26.50 4.60 21.57
N ARG B 4 -26.40 5.88 21.95
CA ARG B 4 -26.66 6.97 21.01
C ARG B 4 -25.79 8.17 21.34
N ASP B 5 -25.14 8.72 20.31
CA ASP B 5 -24.38 9.96 20.41
C ASP B 5 -23.28 9.88 21.47
N ASN B 6 -22.48 8.82 21.38
CA ASN B 6 -21.35 8.64 22.28
C ASN B 6 -20.05 9.23 21.72
N ILE B 7 -20.11 9.87 20.55
CA ILE B 7 -18.91 10.47 19.98
C ILE B 7 -18.41 11.61 20.86
N GLN B 8 -19.31 12.28 21.58
CA GLN B 8 -18.92 13.39 22.44
C GLN B 8 -18.21 12.93 23.70
N GLY B 9 -18.13 11.63 23.95
CA GLY B 9 -17.29 11.12 25.02
C GLY B 9 -15.81 11.32 24.78
N ILE B 10 -15.43 11.68 23.55
CA ILE B 10 -14.08 12.10 23.24
C ILE B 10 -13.99 13.59 23.52
N THR B 11 -13.62 13.94 24.75
CA THR B 11 -13.73 15.30 25.23
C THR B 11 -12.68 16.21 24.60
N LYS B 12 -12.85 17.51 24.83
CA LYS B 12 -11.89 18.50 24.32
C LYS B 12 -10.49 18.33 24.87
N PRO B 13 -10.28 18.16 26.18
CA PRO B 13 -8.90 17.97 26.67
C PRO B 13 -8.20 16.75 26.09
N ALA B 14 -8.93 15.68 25.77
CA ALA B 14 -8.31 14.54 25.11
C ALA B 14 -7.78 14.92 23.73
N ILE B 15 -8.57 15.68 22.97
CA ILE B 15 -8.11 16.17 21.68
C ILE B 15 -6.88 17.05 21.84
N ARG B 16 -6.89 17.90 22.88
CA ARG B 16 -5.76 18.81 23.10
C ARG B 16 -4.49 18.04 23.47
N ARG B 17 -4.63 16.97 24.26
CA ARG B 17 -3.48 16.15 24.60
C ARG B 17 -2.94 15.41 23.37
N LEU B 18 -3.84 14.90 22.53
CA LEU B 18 -3.39 14.26 21.29
C LEU B 18 -2.67 15.25 20.39
N ALA B 19 -3.15 16.50 20.36
CA ALA B 19 -2.48 17.53 19.58
C ALA B 19 -1.11 17.88 20.16
N ARG B 20 -1.01 17.93 21.49
CA ARG B 20 0.27 18.27 22.12
C ARG B 20 1.30 17.18 21.90
N ARG B 21 0.88 15.92 21.88
CA ARG B 21 1.83 14.86 21.53
C ARG B 21 2.34 15.02 20.10
N GLY B 22 1.54 15.61 19.22
CA GLY B 22 1.92 15.85 17.85
C GLY B 22 2.71 17.12 17.60
N GLY B 23 3.00 17.90 18.64
CA GLY B 23 3.80 19.10 18.50
C GLY B 23 3.02 20.38 18.30
N VAL B 24 1.71 20.35 18.39
CA VAL B 24 0.89 21.53 18.13
C VAL B 24 0.98 22.47 19.33
N LYS B 25 1.22 23.76 19.04
CA LYS B 25 1.40 24.78 20.06
C LYS B 25 0.14 25.61 20.31
N ARG B 26 -0.68 25.82 19.28
CA ARG B 26 -1.88 26.65 19.37
C ARG B 26 -2.98 25.98 18.55
N ILE B 27 -4.19 25.94 19.08
CA ILE B 27 -5.29 25.17 18.51
C ILE B 27 -6.50 26.10 18.33
N SER B 28 -7.12 26.02 17.15
CA SER B 28 -8.34 26.77 16.92
C SER B 28 -9.52 26.09 17.60
N GLY B 29 -10.63 26.81 17.72
CA GLY B 29 -11.79 26.30 18.41
C GLY B 29 -12.67 25.39 17.58
N LEU B 30 -12.43 25.32 16.28
CA LEU B 30 -13.23 24.48 15.39
C LEU B 30 -12.59 23.14 15.08
N ILE B 31 -11.46 22.81 15.73
CA ILE B 31 -10.73 21.60 15.42
C ILE B 31 -11.46 20.36 15.96
N TYR B 32 -12.14 20.50 17.09
CA TYR B 32 -12.67 19.35 17.80
C TYR B 32 -13.76 18.62 17.03
N GLU B 33 -14.64 19.33 16.31
CA GLU B 33 -15.67 18.66 15.53
C GLU B 33 -15.05 17.93 14.34
N GLU B 34 -14.06 18.56 13.69
CA GLU B 34 -13.37 17.95 12.57
C GLU B 34 -12.69 16.65 12.99
N THR B 35 -12.03 16.67 14.14
CA THR B 35 -11.34 15.48 14.64
C THR B 35 -12.34 14.35 14.93
N ARG B 36 -13.48 14.70 15.49
CA ARG B 36 -14.49 13.70 15.82
C ARG B 36 -15.05 13.06 14.54
N GLY B 37 -15.29 13.87 13.51
CA GLY B 37 -15.72 13.30 12.24
C GLY B 37 -14.70 12.36 11.63
N VAL B 38 -13.43 12.76 11.67
CA VAL B 38 -12.35 11.93 11.12
C VAL B 38 -12.29 10.59 11.86
N LEU B 39 -12.36 10.65 13.19
CA LEU B 39 -12.28 9.42 13.99
C LEU B 39 -13.47 8.50 13.71
N LYS B 40 -14.66 9.08 13.57
CA LYS B 40 -15.83 8.25 13.26
C LYS B 40 -15.67 7.54 11.93
N VAL B 41 -15.18 8.26 10.91
CA VAL B 41 -14.96 7.60 9.62
C VAL B 41 -13.95 6.47 9.72
N PHE B 42 -12.84 6.70 10.42
CA PHE B 42 -11.82 5.67 10.58
C PHE B 42 -12.38 4.42 11.27
N LEU B 43 -13.10 4.62 12.37
CA LEU B 43 -13.66 3.48 13.10
C LEU B 43 -14.70 2.74 12.28
N GLU B 44 -15.56 3.46 11.55
CA GLU B 44 -16.53 2.78 10.69
C GLU B 44 -15.84 1.97 9.61
N ASN B 45 -14.73 2.46 9.06
CA ASN B 45 -14.01 1.70 8.06
C ASN B 45 -13.38 0.43 8.61
N VAL B 46 -12.84 0.47 9.83
CA VAL B 46 -12.16 -0.72 10.36
C VAL B 46 -13.14 -1.75 10.91
N ILE B 47 -14.18 -1.30 11.62
CA ILE B 47 -15.08 -2.21 12.30
C ILE B 47 -15.88 -3.04 11.30
N ARG B 48 -16.15 -2.49 10.12
CA ARG B 48 -16.87 -3.24 9.10
C ARG B 48 -16.07 -4.47 8.66
N ASP B 49 -14.78 -4.31 8.41
CA ASP B 49 -13.93 -5.44 8.05
C ASP B 49 -13.81 -6.43 9.20
N ALA B 50 -13.69 -5.91 10.42
CA ALA B 50 -13.58 -6.81 11.58
C ALA B 50 -14.83 -7.68 11.71
N VAL B 51 -16.01 -7.08 11.55
CA VAL B 51 -17.25 -7.83 11.70
C VAL B 51 -17.45 -8.78 10.52
N THR B 52 -16.95 -8.42 9.34
CA THR B 52 -16.99 -9.37 8.23
C THR B 52 -16.16 -10.61 8.54
N TYR B 53 -14.94 -10.40 9.06
CA TYR B 53 -14.11 -11.54 9.45
C TYR B 53 -14.77 -12.37 10.53
N THR B 54 -15.42 -11.72 11.50
CA THR B 54 -16.15 -12.43 12.53
C THR B 54 -17.28 -13.27 11.95
N GLU B 55 -18.05 -12.70 11.03
CA GLU B 55 -19.21 -13.39 10.48
C GLU B 55 -18.81 -14.56 9.61
N HIS B 56 -17.65 -14.49 8.95
CA HIS B 56 -17.24 -15.61 8.10
C HIS B 56 -17.02 -16.88 8.92
N ALA B 57 -16.47 -16.76 10.12
CA ALA B 57 -16.17 -17.92 10.94
C ALA B 57 -17.37 -18.46 11.70
N LYS B 58 -18.59 -17.95 11.46
CA LYS B 58 -19.78 -18.38 12.18
C LYS B 58 -19.58 -18.23 13.69
N ARG B 59 -18.94 -17.14 14.08
CA ARG B 59 -18.61 -16.86 15.47
C ARG B 59 -19.28 -15.56 15.89
N LYS B 60 -19.59 -15.46 17.18
CA LYS B 60 -20.40 -14.35 17.67
C LYS B 60 -19.61 -13.32 18.47
N THR B 61 -18.32 -13.55 18.70
CA THR B 61 -17.46 -12.59 19.40
C THR B 61 -16.38 -12.13 18.45
N VAL B 62 -16.10 -10.82 18.47
CA VAL B 62 -15.02 -10.25 17.66
C VAL B 62 -13.74 -10.37 18.48
N THR B 63 -12.72 -10.99 17.90
CA THR B 63 -11.47 -11.19 18.61
C THR B 63 -10.41 -10.20 18.11
N ALA B 64 -9.22 -10.28 18.71
CA ALA B 64 -8.16 -9.34 18.40
C ALA B 64 -7.56 -9.59 17.02
N MET B 65 -7.47 -10.85 16.60
CA MET B 65 -6.87 -11.16 15.31
C MET B 65 -7.72 -10.65 14.16
N ASP B 66 -9.04 -10.58 14.35
CA ASP B 66 -9.89 -9.97 13.34
C ASP B 66 -9.50 -8.51 13.13
N VAL B 67 -9.27 -7.78 14.22
CA VAL B 67 -8.88 -6.38 14.13
C VAL B 67 -7.50 -6.26 13.51
N VAL B 68 -6.58 -7.17 13.87
CA VAL B 68 -5.23 -7.10 13.30
C VAL B 68 -5.27 -7.34 11.80
N TYR B 69 -6.05 -8.33 11.36
CA TYR B 69 -6.17 -8.60 9.93
C TYR B 69 -6.83 -7.43 9.20
N ALA B 70 -7.87 -6.86 9.80
CA ALA B 70 -8.50 -5.70 9.19
C ALA B 70 -7.51 -4.55 9.02
N LEU B 71 -6.73 -4.26 10.06
CA LEU B 71 -5.74 -3.20 9.95
C LEU B 71 -4.69 -3.51 8.90
N LYS B 72 -4.26 -4.78 8.80
CA LYS B 72 -3.36 -5.17 7.72
C LYS B 72 -3.98 -4.88 6.36
N ARG B 73 -5.31 -4.97 6.27
CA ARG B 73 -5.98 -4.85 4.98
C ARG B 73 -5.92 -3.41 4.44
N GLN B 74 -6.04 -2.41 5.33
CA GLN B 74 -5.82 -1.03 4.91
C GLN B 74 -4.36 -0.59 4.99
N GLY B 75 -3.41 -1.52 5.05
CA GLY B 75 -2.01 -1.15 5.11
C GLY B 75 -1.61 -0.38 6.34
N ARG B 76 -2.04 -0.82 7.51
CA ARG B 76 -1.80 -0.13 8.78
C ARG B 76 -1.35 -1.13 9.86
N THR B 77 -0.27 -1.86 9.58
CA THR B 77 0.17 -2.97 10.41
C THR B 77 0.34 -2.54 11.87
N LEU B 78 0.04 -3.46 12.79
CA LEU B 78 0.12 -3.24 14.23
C LEU B 78 0.84 -4.40 14.90
N TYR B 79 1.83 -4.08 15.73
CA TYR B 79 2.60 -5.08 16.46
C TYR B 79 2.18 -5.13 17.92
N GLY B 80 2.15 -6.33 18.49
CA GLY B 80 1.93 -6.50 19.91
C GLY B 80 0.66 -7.22 20.31
N PHE B 81 -0.21 -7.61 19.38
CA PHE B 81 -1.47 -8.25 19.72
C PHE B 81 -1.65 -9.59 19.00
N GLY B 82 -0.56 -10.25 18.63
CA GLY B 82 -0.60 -11.48 17.89
C GLY B 82 -0.14 -11.29 16.45
N GLY B 83 0.43 -12.37 15.90
CA GLY B 83 0.97 -12.32 14.56
C GLY B 83 0.56 -13.49 13.68
N THR C 1 -20.72 -27.84 -22.40
CA THR C 1 -19.75 -27.15 -21.55
C THR C 1 -20.40 -26.67 -20.26
N ARG C 2 -19.57 -26.30 -19.28
CA ARG C 2 -20.08 -25.81 -18.01
C ARG C 2 -20.48 -24.34 -18.07
N SER C 3 -20.13 -23.64 -19.15
CA SER C 3 -20.56 -22.24 -19.30
C SER C 3 -22.02 -22.15 -19.69
N SER C 4 -22.51 -23.05 -20.55
CA SER C 4 -23.90 -23.01 -20.97
C SER C 4 -24.85 -23.39 -19.85
N ARG C 5 -24.41 -24.27 -18.95
CA ARG C 5 -25.25 -24.65 -17.82
C ARG C 5 -25.55 -23.45 -16.92
N ALA C 6 -24.55 -22.61 -16.66
CA ALA C 6 -24.72 -21.42 -15.85
C ALA C 6 -25.13 -20.21 -16.67
N GLY C 7 -25.21 -20.33 -17.99
CA GLY C 7 -25.56 -19.21 -18.83
C GLY C 7 -24.55 -18.09 -18.85
N LEU C 8 -23.27 -18.41 -18.86
CA LEU C 8 -22.21 -17.40 -18.81
C LEU C 8 -21.50 -17.30 -20.16
N GLN C 9 -20.76 -16.20 -20.31
CA GLN C 9 -19.89 -16.00 -21.47
C GLN C 9 -18.43 -16.28 -21.17
N PHE C 10 -18.01 -16.15 -19.92
CA PHE C 10 -16.64 -16.43 -19.53
C PHE C 10 -16.43 -17.93 -19.38
N PRO C 11 -15.19 -18.40 -19.53
CA PRO C 11 -14.93 -19.85 -19.44
C PRO C 11 -14.83 -20.30 -17.99
N VAL C 12 -15.72 -21.21 -17.59
CA VAL C 12 -15.64 -21.80 -16.26
C VAL C 12 -14.45 -22.73 -16.16
N GLY C 13 -14.18 -23.50 -17.22
CA GLY C 13 -13.09 -24.46 -17.19
C GLY C 13 -11.73 -23.81 -17.04
N ARG C 14 -11.51 -22.72 -17.78
CA ARG C 14 -10.24 -22.01 -17.68
C ARG C 14 -10.02 -21.44 -16.29
N VAL C 15 -11.08 -20.89 -15.69
CA VAL C 15 -10.97 -20.35 -14.34
C VAL C 15 -10.69 -21.47 -13.34
N HIS C 16 -11.34 -22.62 -13.51
CA HIS C 16 -11.08 -23.76 -12.64
C HIS C 16 -9.63 -24.20 -12.74
N ARG C 17 -9.10 -24.28 -13.96
CA ARG C 17 -7.71 -24.68 -14.14
C ARG C 17 -6.75 -23.66 -13.52
N LEU C 18 -7.03 -22.36 -13.69
CA LEU C 18 -6.17 -21.34 -13.10
C LEU C 18 -6.18 -21.40 -11.58
N LEU C 19 -7.36 -21.60 -10.98
CA LEU C 19 -7.42 -21.72 -9.52
C LEU C 19 -6.69 -22.96 -9.05
N ARG C 20 -6.86 -24.08 -9.75
CA ARG C 20 -6.22 -25.32 -9.35
C ARG C 20 -4.69 -25.22 -9.44
N LYS C 21 -4.18 -24.62 -10.51
CA LYS C 21 -2.74 -24.57 -10.74
C LYS C 21 -2.07 -23.37 -10.06
N GLY C 22 -2.85 -22.39 -9.61
CA GLY C 22 -2.33 -21.12 -9.14
C GLY C 22 -1.76 -21.09 -7.74
N ASN C 23 -1.73 -22.22 -7.03
CA ASN C 23 -1.14 -22.31 -5.70
C ASN C 23 -1.88 -21.42 -4.70
N TYR C 24 -3.19 -21.65 -4.57
CA TYR C 24 -4.00 -20.93 -3.59
C TYR C 24 -4.45 -21.82 -2.44
N ALA C 25 -4.72 -23.10 -2.70
CA ALA C 25 -5.17 -24.01 -1.66
C ALA C 25 -4.91 -25.43 -2.11
N GLU C 26 -5.03 -26.37 -1.16
CA GLU C 26 -4.82 -27.77 -1.47
C GLU C 26 -5.87 -28.28 -2.45
N ARG C 27 -7.13 -27.93 -2.23
CA ARG C 27 -8.24 -28.38 -3.06
C ARG C 27 -9.18 -27.22 -3.34
N VAL C 28 -9.90 -27.32 -4.46
CA VAL C 28 -10.80 -26.28 -4.93
C VAL C 28 -12.21 -26.86 -5.00
N GLY C 29 -13.17 -26.15 -4.44
CA GLY C 29 -14.54 -26.62 -4.47
C GLY C 29 -15.13 -26.59 -5.86
N ALA C 30 -16.29 -27.23 -6.02
CA ALA C 30 -16.91 -27.35 -7.33
C ALA C 30 -17.52 -26.05 -7.83
N GLY C 31 -18.06 -25.22 -6.94
CA GLY C 31 -18.79 -24.04 -7.37
C GLY C 31 -18.01 -22.75 -7.41
N ALA C 32 -16.74 -22.79 -6.99
CA ALA C 32 -15.92 -21.58 -6.99
C ALA C 32 -15.70 -20.99 -8.38
N PRO C 33 -15.31 -21.77 -9.40
CA PRO C 33 -15.10 -21.15 -10.72
C PRO C 33 -16.35 -20.48 -11.29
N VAL C 34 -17.53 -21.06 -11.07
CA VAL C 34 -18.76 -20.48 -11.59
C VAL C 34 -19.02 -19.12 -10.96
N TYR C 35 -18.90 -19.04 -9.63
CA TYR C 35 -19.14 -17.80 -8.93
C TYR C 35 -18.14 -16.73 -9.37
N LEU C 36 -16.87 -17.11 -9.46
CA LEU C 36 -15.82 -16.16 -9.83
C LEU C 36 -16.01 -15.67 -11.27
N ALA C 37 -16.34 -16.57 -12.20
CA ALA C 37 -16.55 -16.17 -13.59
C ALA C 37 -17.74 -15.23 -13.71
N ALA C 38 -18.81 -15.50 -12.96
CA ALA C 38 -19.97 -14.61 -13.00
C ALA C 38 -19.60 -13.21 -12.50
N VAL C 39 -18.81 -13.13 -11.42
CA VAL C 39 -18.41 -11.81 -10.91
C VAL C 39 -17.55 -11.07 -11.94
N LEU C 40 -16.58 -11.76 -12.53
CA LEU C 40 -15.72 -11.11 -13.52
C LEU C 40 -16.53 -10.64 -14.73
N GLU C 41 -17.46 -11.46 -15.21
CA GLU C 41 -18.26 -11.08 -16.36
C GLU C 41 -19.13 -9.86 -16.05
N TYR C 42 -19.71 -9.81 -14.85
CA TYR C 42 -20.49 -8.63 -14.47
C TYR C 42 -19.62 -7.38 -14.47
N LEU C 43 -18.42 -7.45 -13.87
CA LEU C 43 -17.57 -6.27 -13.80
C LEU C 43 -17.15 -5.79 -15.18
N THR C 44 -16.77 -6.71 -16.06
CA THR C 44 -16.35 -6.28 -17.39
C THR C 44 -17.52 -5.75 -18.20
N ALA C 45 -18.73 -6.30 -18.02
CA ALA C 45 -19.88 -5.75 -18.72
C ALA C 45 -20.18 -4.33 -18.28
N GLU C 46 -20.10 -4.07 -16.97
CA GLU C 46 -20.30 -2.71 -16.47
C GLU C 46 -19.28 -1.75 -17.08
N ILE C 47 -18.01 -2.13 -17.04
CA ILE C 47 -16.95 -1.28 -17.60
C ILE C 47 -17.23 -1.00 -19.07
N LEU C 48 -17.55 -2.04 -19.83
CA LEU C 48 -17.73 -1.88 -21.27
C LEU C 48 -18.92 -0.99 -21.60
N GLU C 49 -20.02 -1.11 -20.87
CA GLU C 49 -21.17 -0.28 -21.22
C GLU C 49 -20.91 1.18 -20.89
N LEU C 50 -20.24 1.45 -19.75
CA LEU C 50 -19.86 2.83 -19.48
C LEU C 50 -18.91 3.39 -20.55
N ALA C 51 -17.90 2.60 -20.94
CA ALA C 51 -16.96 3.07 -21.94
C ALA C 51 -17.63 3.31 -23.29
N GLY C 52 -18.57 2.44 -23.67
CA GLY C 52 -19.29 2.64 -24.92
C GLY C 52 -20.16 3.87 -24.90
N ASN C 53 -20.81 4.15 -23.77
CA ASN C 53 -21.57 5.39 -23.64
C ASN C 53 -20.67 6.60 -23.79
N ALA C 54 -19.49 6.56 -23.16
CA ALA C 54 -18.54 7.65 -23.30
C ALA C 54 -18.07 7.82 -24.74
N ALA C 55 -17.86 6.70 -25.45
CA ALA C 55 -17.43 6.77 -26.84
C ALA C 55 -18.51 7.39 -27.72
N ARG C 56 -19.77 7.00 -27.51
CA ARG C 56 -20.85 7.59 -28.30
C ARG C 56 -21.03 9.06 -27.97
N ASP C 57 -20.77 9.45 -26.71
CA ASP C 57 -20.85 10.85 -26.32
C ASP C 57 -19.86 11.72 -27.10
N ASN C 58 -18.73 11.17 -27.49
CA ASN C 58 -17.70 11.89 -28.22
C ASN C 58 -17.87 11.80 -29.73
N LYS C 59 -18.96 11.21 -30.19
CA LYS C 59 -19.25 11.04 -31.62
C LYS C 59 -18.18 10.18 -32.30
N LYS C 60 -17.98 8.98 -31.75
CA LYS C 60 -17.06 8.00 -32.32
C LYS C 60 -17.76 6.65 -32.34
N THR C 61 -17.17 5.71 -33.09
CA THR C 61 -17.79 4.40 -33.28
C THR C 61 -17.05 3.27 -32.56
N ARG C 62 -15.80 3.48 -32.15
CA ARG C 62 -15.02 2.46 -31.47
C ARG C 62 -14.41 3.02 -30.20
N ILE C 63 -14.10 2.15 -29.25
CA ILE C 63 -13.59 2.55 -27.95
C ILE C 63 -12.08 2.66 -28.00
N ILE C 64 -11.54 3.75 -27.44
CA ILE C 64 -10.10 3.96 -27.33
C ILE C 64 -9.75 4.08 -25.86
N PRO C 65 -8.48 4.01 -25.48
CA PRO C 65 -8.13 4.10 -24.04
C PRO C 65 -8.63 5.36 -23.35
N ARG C 66 -8.76 6.47 -24.08
CA ARG C 66 -9.30 7.69 -23.49
C ARG C 66 -10.71 7.47 -22.97
N HIS C 67 -11.53 6.74 -23.73
CA HIS C 67 -12.91 6.48 -23.30
C HIS C 67 -12.94 5.63 -22.04
N LEU C 68 -12.07 4.62 -21.96
CA LEU C 68 -11.97 3.82 -20.73
C LEU C 68 -11.55 4.68 -19.55
N GLN C 69 -10.58 5.56 -19.74
CA GLN C 69 -10.14 6.43 -18.66
C GLN C 69 -11.27 7.33 -18.19
N LEU C 70 -12.01 7.94 -19.12
CA LEU C 70 -13.11 8.82 -18.75
C LEU C 70 -14.20 8.05 -18.01
N ALA C 71 -14.53 6.85 -18.51
CA ALA C 71 -15.56 6.05 -17.86
C ALA C 71 -15.16 5.67 -16.45
N VAL C 72 -13.91 5.27 -16.25
CA VAL C 72 -13.45 4.87 -14.92
C VAL C 72 -13.45 6.06 -13.96
N ARG C 73 -12.96 7.21 -14.42
CA ARG C 73 -12.83 8.35 -13.53
C ARG C 73 -14.17 9.02 -13.22
N ASN C 74 -15.14 8.95 -14.13
CA ASN C 74 -16.41 9.63 -13.89
C ASN C 74 -17.32 8.85 -12.96
N ASP C 75 -17.11 7.54 -12.85
CA ASP C 75 -17.90 6.71 -11.94
C ASP C 75 -17.18 6.62 -10.59
N GLU C 76 -17.89 6.95 -9.51
CA GLU C 76 -17.25 7.05 -8.20
C GLU C 76 -16.78 5.69 -7.69
N GLU C 77 -17.61 4.66 -7.84
CA GLU C 77 -17.24 3.34 -7.32
C GLU C 77 -16.05 2.76 -8.05
N LEU C 78 -16.06 2.86 -9.38
CA LEU C 78 -14.96 2.32 -10.17
C LEU C 78 -13.70 3.16 -10.00
N ASN C 79 -13.85 4.47 -9.79
CA ASN C 79 -12.70 5.30 -9.49
C ASN C 79 -12.09 4.93 -8.15
N LYS C 80 -12.92 4.58 -7.17
CA LYS C 80 -12.40 4.09 -5.90
C LYS C 80 -11.69 2.76 -6.06
N LEU C 81 -12.27 1.86 -6.87
CA LEU C 81 -11.67 0.54 -7.06
C LEU C 81 -10.33 0.64 -7.79
N LEU C 82 -10.30 1.34 -8.92
CA LEU C 82 -9.09 1.53 -9.71
C LEU C 82 -8.46 2.89 -9.40
N GLY C 83 -8.14 3.10 -8.12
CA GLY C 83 -7.61 4.38 -7.70
C GLY C 83 -6.11 4.50 -7.80
N ARG C 84 -5.39 3.39 -7.70
CA ARG C 84 -3.94 3.37 -7.80
C ARG C 84 -3.45 2.80 -9.12
N VAL C 85 -4.26 2.91 -10.18
CA VAL C 85 -3.98 2.29 -11.47
C VAL C 85 -3.89 3.37 -12.52
N THR C 86 -2.88 3.28 -13.38
CA THR C 86 -2.70 4.21 -14.50
C THR C 86 -3.00 3.47 -15.80
N ILE C 87 -3.88 4.04 -16.61
CA ILE C 87 -4.20 3.51 -17.93
C ILE C 87 -3.33 4.22 -18.95
N ALA C 88 -2.58 3.45 -19.73
CA ALA C 88 -1.68 4.03 -20.73
C ALA C 88 -2.47 4.76 -21.80
N GLN C 89 -1.98 5.95 -22.18
CA GLN C 89 -2.61 6.82 -23.17
C GLN C 89 -4.00 7.28 -22.74
N GLY C 90 -4.26 7.35 -21.43
CA GLY C 90 -5.58 7.70 -20.95
C GLY C 90 -5.80 9.17 -20.68
N GLY C 91 -4.73 9.92 -20.48
CA GLY C 91 -4.86 11.34 -20.22
C GLY C 91 -5.46 11.66 -18.85
N VAL C 92 -5.92 12.90 -18.72
CA VAL C 92 -6.51 13.41 -17.49
C VAL C 92 -7.84 14.08 -17.81
N LEU C 93 -8.64 14.27 -16.77
CA LEU C 93 -9.93 14.94 -16.93
C LEU C 93 -9.75 16.46 -16.88
N PRO C 94 -10.49 17.20 -17.71
CA PRO C 94 -10.33 18.67 -17.72
C PRO C 94 -10.96 19.33 -16.50
N ASN C 95 -10.13 19.90 -15.63
CA ASN C 95 -10.62 20.64 -14.48
C ASN C 95 -9.62 21.71 -14.09
N ILE C 96 -10.08 22.95 -13.93
CA ILE C 96 -9.25 24.08 -13.54
C ILE C 96 -9.83 24.65 -12.25
N GLN C 97 -8.95 24.98 -11.30
CA GLN C 97 -9.39 25.46 -10.00
C GLN C 97 -10.10 26.80 -10.12
N SER C 98 -10.98 27.06 -9.16
CA SER C 98 -11.84 28.25 -9.22
C SER C 98 -11.01 29.53 -9.17
N VAL C 99 -10.01 29.59 -8.29
CA VAL C 99 -9.20 30.80 -8.16
C VAL C 99 -8.37 31.05 -9.40
N LEU C 100 -8.06 30.01 -10.17
CA LEU C 100 -7.25 30.18 -11.38
C LEU C 100 -8.07 30.71 -12.54
N LEU C 101 -9.40 30.59 -12.48
CA LEU C 101 -10.25 31.00 -13.57
C LEU C 101 -10.16 32.52 -13.78
N PRO C 102 -10.22 32.98 -15.03
CA PRO C 102 -10.02 34.40 -15.30
C PRO C 102 -11.15 35.26 -14.77
N LYS C 103 -10.81 36.50 -14.45
CA LYS C 103 -11.78 37.47 -13.96
C LYS C 103 -12.19 38.42 -15.08
N LYS D 1 5.80 -21.56 -32.12
CA LYS D 1 5.63 -20.25 -31.50
C LYS D 1 5.02 -20.38 -30.11
N THR D 2 4.83 -19.25 -29.44
CA THR D 2 4.22 -19.27 -28.11
C THR D 2 2.71 -19.10 -28.24
N ARG D 3 1.97 -19.90 -27.46
CA ARG D 3 0.51 -19.84 -27.46
C ARG D 3 0.06 -19.08 -26.21
N LYS D 4 0.02 -17.75 -26.35
CA LYS D 4 -0.48 -16.91 -25.26
C LYS D 4 -2.00 -17.06 -25.12
N GLU D 5 -2.49 -16.90 -23.91
CA GLU D 5 -3.91 -16.92 -23.62
C GLU D 5 -4.39 -15.52 -23.29
N SER D 6 -5.65 -15.25 -23.63
CA SER D 6 -6.23 -13.93 -23.41
C SER D 6 -7.75 -14.08 -23.32
N TYR D 7 -8.40 -13.01 -22.88
CA TYR D 7 -9.85 -12.94 -22.78
C TYR D 7 -10.45 -12.07 -23.88
N ALA D 8 -9.83 -12.03 -25.04
CA ALA D 8 -10.27 -11.12 -26.10
C ALA D 8 -11.64 -11.52 -26.64
N ILE D 9 -11.85 -12.82 -26.87
CA ILE D 9 -13.10 -13.28 -27.48
C ILE D 9 -14.27 -13.09 -26.53
N TYR D 10 -14.07 -13.36 -25.24
CA TYR D 10 -15.15 -13.19 -24.27
C TYR D 10 -15.49 -11.73 -24.06
N VAL D 11 -14.47 -10.87 -24.02
CA VAL D 11 -14.72 -9.43 -23.93
C VAL D 11 -15.49 -8.96 -25.16
N TYR D 12 -15.12 -9.45 -26.34
CA TYR D 12 -15.82 -9.06 -27.56
C TYR D 12 -17.28 -9.52 -27.52
N LYS D 13 -17.52 -10.73 -27.01
CA LYS D 13 -18.89 -11.23 -26.88
C LYS D 13 -19.70 -10.37 -25.93
N VAL D 14 -19.14 -10.00 -24.78
CA VAL D 14 -19.87 -9.16 -23.83
C VAL D 14 -20.14 -7.79 -24.45
N LEU D 15 -19.18 -7.24 -25.18
CA LEU D 15 -19.37 -5.95 -25.83
C LEU D 15 -20.50 -6.01 -26.85
N LYS D 16 -20.51 -7.02 -27.70
CA LYS D 16 -21.60 -7.14 -28.66
C LYS D 16 -22.91 -7.52 -27.97
N GLN D 17 -22.83 -8.00 -26.74
CA GLN D 17 -24.05 -8.25 -25.97
C GLN D 17 -24.65 -6.96 -25.45
N VAL D 18 -23.81 -6.03 -25.01
CA VAL D 18 -24.31 -4.76 -24.47
C VAL D 18 -24.29 -3.62 -25.49
N HIS D 19 -23.43 -3.68 -26.50
CA HIS D 19 -23.35 -2.63 -27.52
C HIS D 19 -23.22 -3.31 -28.86
N PRO D 20 -24.34 -3.58 -29.54
CA PRO D 20 -24.27 -4.33 -30.80
C PRO D 20 -23.49 -3.64 -31.90
N ASP D 21 -23.80 -2.36 -32.14
CA ASP D 21 -23.18 -1.62 -33.24
C ASP D 21 -22.03 -0.75 -32.70
N THR D 22 -21.01 -1.42 -32.19
CA THR D 22 -19.84 -0.73 -31.65
C THR D 22 -18.63 -1.65 -31.74
N GLY D 23 -17.47 -1.07 -32.03
CA GLY D 23 -16.22 -1.79 -32.07
C GLY D 23 -15.26 -1.35 -30.96
N ILE D 24 -14.09 -1.97 -30.96
CA ILE D 24 -13.07 -1.69 -29.95
C ILE D 24 -11.71 -1.95 -30.58
N SER D 25 -10.71 -1.18 -30.14
CA SER D 25 -9.37 -1.26 -30.70
C SER D 25 -8.52 -2.27 -29.95
N SER D 26 -7.27 -2.42 -30.40
CA SER D 26 -6.37 -3.39 -29.76
C SER D 26 -5.85 -2.87 -28.43
N LYS D 27 -5.55 -1.58 -28.33
CA LYS D 27 -5.06 -1.01 -27.08
C LYS D 27 -6.09 -1.14 -25.97
N ALA D 28 -7.35 -0.83 -26.27
CA ALA D 28 -8.40 -0.97 -25.28
C ALA D 28 -8.62 -2.42 -24.89
N MET D 29 -8.49 -3.34 -25.84
CA MET D 29 -8.62 -4.76 -25.51
C MET D 29 -7.49 -5.21 -24.58
N SER D 30 -6.27 -4.75 -24.82
CA SER D 30 -5.17 -5.11 -23.94
C SER D 30 -5.37 -4.53 -22.54
N ILE D 31 -5.86 -3.30 -22.45
CA ILE D 31 -6.19 -2.72 -21.15
C ILE D 31 -7.25 -3.57 -20.44
N MET D 32 -8.24 -4.05 -21.20
CA MET D 32 -9.28 -4.88 -20.61
C MET D 32 -8.71 -6.20 -20.09
N ASN D 33 -7.79 -6.81 -20.84
CA ASN D 33 -7.16 -8.03 -20.39
C ASN D 33 -6.38 -7.81 -19.10
N SER D 34 -5.65 -6.70 -19.03
CA SER D 34 -4.91 -6.37 -17.81
C SER D 34 -5.86 -6.18 -16.62
N PHE D 35 -6.98 -5.49 -16.83
CA PHE D 35 -7.95 -5.28 -15.76
C PHE D 35 -8.54 -6.61 -15.26
N VAL D 36 -8.91 -7.50 -16.20
CA VAL D 36 -9.49 -8.78 -15.81
C VAL D 36 -8.49 -9.59 -14.99
N ASN D 37 -7.23 -9.65 -15.44
CA ASN D 37 -6.22 -10.38 -14.68
C ASN D 37 -6.02 -9.77 -13.29
N ASP D 38 -5.97 -8.44 -13.22
CA ASP D 38 -5.78 -7.79 -11.92
C ASP D 38 -6.87 -8.20 -10.94
N VAL D 39 -8.14 -8.11 -11.36
CA VAL D 39 -9.22 -8.43 -10.44
C VAL D 39 -9.21 -9.91 -10.09
N PHE D 40 -8.88 -10.78 -11.05
CA PHE D 40 -8.80 -12.21 -10.74
C PHE D 40 -7.78 -12.50 -9.65
N GLU D 41 -6.55 -11.98 -9.80
CA GLU D 41 -5.54 -12.21 -8.78
C GLU D 41 -5.94 -11.63 -7.44
N ARG D 42 -6.54 -10.43 -7.42
CA ARG D 42 -6.96 -9.88 -6.13
C ARG D 42 -7.95 -10.79 -5.43
N ILE D 43 -9.01 -11.20 -6.13
CA ILE D 43 -10.05 -12.01 -5.49
C ILE D 43 -9.48 -13.35 -5.04
N ALA D 44 -8.68 -14.00 -5.88
CA ALA D 44 -8.16 -15.31 -5.53
C ALA D 44 -7.21 -15.23 -4.34
N GLY D 45 -6.35 -14.21 -4.30
CA GLY D 45 -5.45 -14.07 -3.17
C GLY D 45 -6.18 -13.82 -1.86
N GLU D 46 -7.18 -12.94 -1.88
CA GLU D 46 -7.94 -12.70 -0.66
C GLU D 46 -8.67 -13.96 -0.21
N ALA D 47 -9.25 -14.71 -1.14
CA ALA D 47 -9.94 -15.94 -0.77
C ALA D 47 -8.99 -16.98 -0.17
N SER D 48 -7.80 -17.15 -0.76
CA SER D 48 -6.85 -18.11 -0.22
C SER D 48 -6.41 -17.69 1.18
N ARG D 49 -6.18 -16.40 1.39
CA ARG D 49 -5.81 -15.91 2.71
C ARG D 49 -6.92 -16.19 3.72
N LEU D 50 -8.18 -15.96 3.34
CA LEU D 50 -9.30 -16.25 4.23
C LEU D 50 -9.35 -17.72 4.59
N ALA D 51 -9.16 -18.60 3.61
CA ALA D 51 -9.19 -20.03 3.89
C ALA D 51 -8.05 -20.43 4.82
N HIS D 52 -6.88 -19.81 4.66
CA HIS D 52 -5.74 -20.16 5.50
C HIS D 52 -5.95 -19.67 6.94
N TYR D 53 -6.63 -18.54 7.12
CA TYR D 53 -6.84 -18.03 8.47
C TYR D 53 -7.67 -18.99 9.32
N ASN D 54 -8.70 -19.60 8.73
CA ASN D 54 -9.65 -20.39 9.50
C ASN D 54 -9.33 -21.88 9.51
N LYS D 55 -8.13 -22.27 9.08
CA LYS D 55 -7.69 -23.67 9.13
C LYS D 55 -8.58 -24.56 8.27
N ARG D 56 -8.89 -24.09 7.06
CA ARG D 56 -9.54 -24.90 6.04
C ARG D 56 -8.59 -25.07 4.87
N SER D 57 -8.61 -26.26 4.27
CA SER D 57 -7.72 -26.58 3.16
C SER D 57 -8.40 -26.48 1.81
N THR D 58 -9.64 -25.99 1.75
CA THR D 58 -10.40 -25.93 0.50
C THR D 58 -10.93 -24.52 0.29
N ILE D 59 -11.10 -24.14 -0.97
CA ILE D 59 -11.71 -22.86 -1.33
C ILE D 59 -13.08 -23.19 -1.93
N THR D 60 -14.13 -22.79 -1.23
CA THR D 60 -15.50 -22.98 -1.69
C THR D 60 -16.04 -21.65 -2.21
N SER D 61 -17.34 -21.61 -2.53
CA SER D 61 -17.95 -20.36 -3.00
C SER D 61 -18.19 -19.41 -1.84
N ARG D 62 -18.23 -19.91 -0.61
CA ARG D 62 -18.38 -19.04 0.55
C ARG D 62 -17.16 -18.13 0.72
N GLU D 63 -15.95 -18.67 0.54
CA GLU D 63 -14.74 -17.85 0.60
C GLU D 63 -14.72 -16.82 -0.53
N ILE D 64 -15.13 -17.22 -1.74
CA ILE D 64 -15.16 -16.27 -2.85
C ILE D 64 -16.15 -15.15 -2.55
N GLN D 65 -17.31 -15.49 -1.99
CA GLN D 65 -18.31 -14.48 -1.68
C GLN D 65 -17.79 -13.50 -0.63
N THR D 66 -17.17 -14.01 0.43
CA THR D 66 -16.66 -13.12 1.47
C THR D 66 -15.51 -12.26 0.95
N ALA D 67 -14.64 -12.81 0.11
CA ALA D 67 -13.58 -12.02 -0.49
C ALA D 67 -14.14 -10.91 -1.37
N VAL D 68 -15.18 -11.21 -2.16
CA VAL D 68 -15.82 -10.18 -2.97
C VAL D 68 -16.39 -9.09 -2.07
N ARG D 69 -17.04 -9.48 -0.98
CA ARG D 69 -17.57 -8.50 -0.04
C ARG D 69 -16.47 -7.63 0.56
N LEU D 70 -15.29 -8.21 0.82
CA LEU D 70 -14.20 -7.42 1.40
C LEU D 70 -13.58 -6.47 0.40
N LEU D 71 -13.44 -6.89 -0.86
CA LEU D 71 -12.70 -6.09 -1.83
C LEU D 71 -13.54 -5.05 -2.57
N LEU D 72 -14.82 -5.35 -2.87
CA LEU D 72 -15.53 -4.38 -3.70
C LEU D 72 -16.32 -3.39 -2.84
N PRO D 73 -16.59 -2.19 -3.36
CA PRO D 73 -17.45 -1.25 -2.64
C PRO D 73 -18.89 -1.73 -2.58
N GLY D 74 -19.68 -1.03 -1.77
CA GLY D 74 -21.01 -1.48 -1.37
C GLY D 74 -21.96 -1.96 -2.44
N GLU D 75 -22.43 -1.04 -3.29
CA GLU D 75 -23.43 -1.42 -4.29
C GLU D 75 -22.86 -2.37 -5.33
N LEU D 76 -21.61 -2.14 -5.73
CA LEU D 76 -20.95 -3.05 -6.66
C LEU D 76 -20.86 -4.45 -6.09
N ALA D 77 -20.51 -4.54 -4.80
CA ALA D 77 -20.43 -5.85 -4.14
C ALA D 77 -21.79 -6.51 -4.06
N LYS D 78 -22.83 -5.73 -3.77
CA LYS D 78 -24.19 -6.30 -3.69
C LYS D 78 -24.61 -6.89 -5.03
N HIS D 79 -24.40 -6.15 -6.11
CA HIS D 79 -24.77 -6.65 -7.43
C HIS D 79 -23.93 -7.86 -7.84
N ALA D 80 -22.63 -7.82 -7.54
CA ALA D 80 -21.77 -8.96 -7.88
C ALA D 80 -22.17 -10.21 -7.13
N VAL D 81 -22.51 -10.07 -5.84
CA VAL D 81 -22.97 -11.21 -5.06
C VAL D 81 -24.25 -11.77 -5.62
N SER D 82 -25.19 -10.89 -5.99
CA SER D 82 -26.44 -11.35 -6.58
C SER D 82 -26.18 -12.16 -7.85
N GLU D 83 -25.34 -11.63 -8.73
CA GLU D 83 -25.06 -12.32 -9.99
C GLU D 83 -24.38 -13.67 -9.75
N GLY D 84 -23.39 -13.70 -8.85
CA GLY D 84 -22.70 -14.95 -8.58
C GLY D 84 -23.60 -16.01 -7.99
N THR D 85 -24.44 -15.63 -7.03
CA THR D 85 -25.36 -16.60 -6.44
C THR D 85 -26.38 -17.10 -7.46
N LYS D 86 -26.88 -16.21 -8.32
CA LYS D 86 -27.81 -16.62 -9.36
C LYS D 86 -27.16 -17.64 -10.29
N ALA D 87 -25.93 -17.37 -10.71
CA ALA D 87 -25.22 -18.30 -11.58
C ALA D 87 -24.98 -19.63 -10.90
N VAL D 88 -24.59 -19.60 -9.62
CA VAL D 88 -24.30 -20.83 -8.90
C VAL D 88 -25.56 -21.70 -8.77
N THR D 89 -26.70 -21.08 -8.43
CA THR D 89 -27.91 -21.87 -8.26
C THR D 89 -28.45 -22.36 -9.59
N LYS D 90 -28.26 -21.58 -10.66
CA LYS D 90 -28.65 -22.06 -11.99
C LYS D 90 -27.80 -23.25 -12.41
N TYR D 91 -26.50 -23.19 -12.14
CA TYR D 91 -25.63 -24.33 -12.44
C TYR D 91 -26.00 -25.55 -11.61
N THR D 92 -26.30 -25.36 -10.33
CA THR D 92 -26.68 -26.48 -9.48
C THR D 92 -27.97 -27.13 -9.95
N SER D 93 -28.98 -26.32 -10.29
CA SER D 93 -30.26 -26.87 -10.73
C SER D 93 -30.10 -27.68 -12.01
N ALA D 94 -29.32 -27.18 -12.96
CA ALA D 94 -29.11 -27.89 -14.21
C ALA D 94 -28.08 -29.00 -14.02
N LYS D 95 -28.10 -29.95 -14.96
CA LYS D 95 -27.15 -31.06 -14.94
C LYS D 95 -27.00 -31.66 -16.34
N HIS E 1 -2.71 41.33 -31.56
CA HIS E 1 -2.45 42.22 -30.45
C HIS E 1 -1.62 41.53 -29.38
N ARG E 2 -1.43 42.22 -28.25
CA ARG E 2 -0.66 41.70 -27.13
C ARG E 2 -1.60 41.13 -26.08
N TYR E 3 -1.39 39.88 -25.71
CA TYR E 3 -2.23 39.22 -24.72
C TYR E 3 -1.82 39.64 -23.31
N ARG E 4 -2.81 39.91 -22.47
CA ARG E 4 -2.54 40.12 -21.07
C ARG E 4 -2.08 38.81 -20.45
N PRO E 5 -1.02 38.83 -19.62
CA PRO E 5 -0.51 37.56 -19.07
C PRO E 5 -1.52 36.82 -18.22
N GLY E 6 -1.54 35.49 -18.35
CA GLY E 6 -2.46 34.64 -17.62
C GLY E 6 -3.58 34.05 -18.44
N THR E 7 -3.89 34.61 -19.62
CA THR E 7 -4.91 34.03 -20.49
C THR E 7 -4.33 32.98 -21.44
N VAL E 8 -3.13 33.21 -21.93
CA VAL E 8 -2.46 32.20 -22.75
C VAL E 8 -2.18 30.96 -21.91
N ALA E 9 -1.76 31.16 -20.66
CA ALA E 9 -1.53 30.02 -19.77
C ALA E 9 -2.78 29.15 -19.65
N LEU E 10 -3.94 29.79 -19.46
CA LEU E 10 -5.19 29.04 -19.45
C LEU E 10 -5.45 28.37 -20.79
N ARG E 11 -5.03 29.01 -21.89
CA ARG E 11 -5.21 28.39 -23.20
C ARG E 11 -4.45 27.07 -23.31
N GLU E 12 -3.16 27.05 -22.96
CA GLU E 12 -2.49 25.75 -23.00
C GLU E 12 -2.94 24.82 -21.90
N ILE E 13 -3.47 25.33 -20.78
CA ILE E 13 -4.08 24.44 -19.80
C ILE E 13 -5.22 23.66 -20.44
N ARG E 14 -6.13 24.37 -21.10
CA ARG E 14 -7.24 23.72 -21.80
C ARG E 14 -6.74 22.79 -22.89
N ARG E 15 -5.70 23.21 -23.63
CA ARG E 15 -5.20 22.40 -24.73
C ARG E 15 -4.59 21.10 -24.24
N TYR E 16 -3.82 21.14 -23.16
CA TYR E 16 -3.08 19.97 -22.70
C TYR E 16 -3.87 19.09 -21.76
N GLN E 17 -4.96 19.59 -21.17
CA GLN E 17 -5.85 18.68 -20.44
C GLN E 17 -6.86 17.99 -21.35
N LYS E 18 -6.82 18.26 -22.65
CA LYS E 18 -7.72 17.65 -23.62
C LYS E 18 -7.08 16.48 -24.37
N SER E 19 -5.76 16.40 -24.41
CA SER E 19 -5.05 15.42 -25.21
C SER E 19 -4.48 14.30 -24.35
N THR E 20 -3.91 13.30 -25.02
CA THR E 20 -3.30 12.15 -24.37
C THR E 20 -1.89 11.86 -24.87
N GLU E 21 -1.28 12.76 -25.62
CA GLU E 21 0.04 12.52 -26.20
C GLU E 21 1.13 12.58 -25.14
N LEU E 22 2.33 12.13 -25.53
CA LEU E 22 3.50 12.28 -24.67
C LEU E 22 4.10 13.66 -24.85
N LEU E 23 4.61 14.24 -23.75
CA LEU E 23 5.08 15.61 -23.76
C LEU E 23 6.59 15.75 -23.78
N ILE E 24 7.33 14.69 -23.44
CA ILE E 24 8.79 14.71 -23.42
C ILE E 24 9.28 14.11 -24.72
N ARG E 25 10.37 14.66 -25.26
CA ARG E 25 10.98 14.11 -26.45
C ARG E 25 11.54 12.72 -26.15
N LYS E 26 11.57 11.86 -27.18
CA LYS E 26 11.80 10.44 -26.93
C LYS E 26 13.29 10.10 -26.88
N LEU E 27 14.08 10.65 -27.80
CA LEU E 27 15.51 10.34 -27.80
C LEU E 27 16.22 10.81 -26.54
N PRO E 28 16.03 12.06 -26.06
CA PRO E 28 16.69 12.43 -24.79
C PRO E 28 16.29 11.55 -23.62
N PHE E 29 15.01 11.17 -23.55
CA PHE E 29 14.57 10.30 -22.47
C PHE E 29 15.23 8.94 -22.55
N GLN E 30 15.34 8.38 -23.76
CA GLN E 30 15.98 7.08 -23.91
C GLN E 30 17.45 7.14 -23.53
N ARG E 31 18.14 8.21 -23.92
CA ARG E 31 19.54 8.37 -23.54
C ARG E 31 19.68 8.47 -22.03
N LEU E 32 18.78 9.21 -21.38
CA LEU E 32 18.81 9.33 -19.92
C LEU E 32 18.60 7.98 -19.25
N VAL E 33 17.64 7.19 -19.77
CA VAL E 33 17.35 5.89 -19.18
C VAL E 33 18.57 4.98 -19.29
N ARG E 34 19.20 4.93 -20.46
CA ARG E 34 20.38 4.08 -20.63
C ARG E 34 21.52 4.54 -19.73
N GLU E 35 21.72 5.85 -19.63
CA GLU E 35 22.80 6.38 -18.79
C GLU E 35 22.58 6.02 -17.32
N ILE E 36 21.34 6.13 -16.84
CA ILE E 36 21.05 5.73 -15.47
C ILE E 36 21.27 4.23 -15.28
N ALA E 37 20.83 3.42 -16.24
CA ALA E 37 20.94 1.98 -16.09
C ALA E 37 22.37 1.48 -16.16
N GLN E 38 23.29 2.26 -16.75
CA GLN E 38 24.68 1.83 -16.82
C GLN E 38 25.30 1.64 -15.43
N ASP E 39 24.71 2.25 -14.40
CA ASP E 39 25.31 2.19 -13.07
C ASP E 39 25.04 0.86 -12.36
N PHE E 40 24.05 0.09 -12.83
CA PHE E 40 23.68 -1.17 -12.18
C PHE E 40 24.25 -2.38 -12.90
N LYS E 41 24.25 -2.40 -14.22
CA LYS E 41 24.83 -3.50 -14.98
C LYS E 41 25.19 -2.99 -16.36
N THR E 42 26.46 -3.13 -16.73
CA THR E 42 26.92 -2.64 -18.02
C THR E 42 26.47 -3.56 -19.15
N ASP E 43 26.41 -2.99 -20.35
CA ASP E 43 26.04 -3.70 -21.58
C ASP E 43 24.65 -4.32 -21.45
N LEU E 44 23.67 -3.43 -21.33
CA LEU E 44 22.27 -3.80 -21.20
C LEU E 44 21.53 -3.42 -22.47
N ARG E 45 20.65 -4.31 -22.93
CA ARG E 45 19.79 -4.04 -24.06
C ARG E 45 18.38 -3.80 -23.58
N PHE E 46 17.63 -2.98 -24.31
CA PHE E 46 16.30 -2.55 -23.90
C PHE E 46 15.31 -2.80 -25.03
N GLN E 47 14.19 -3.42 -24.70
CA GLN E 47 13.07 -3.46 -25.63
C GLN E 47 12.45 -2.05 -25.72
N SER E 48 11.94 -1.71 -26.91
CA SER E 48 11.37 -0.38 -27.10
C SER E 48 10.14 -0.18 -26.22
N SER E 49 9.32 -1.20 -26.07
CA SER E 49 8.14 -1.10 -25.22
C SER E 49 8.51 -0.87 -23.76
N ALA E 50 9.67 -1.35 -23.32
CA ALA E 50 10.13 -1.07 -21.97
C ALA E 50 10.37 0.43 -21.76
N VAL E 51 11.03 1.07 -22.72
CA VAL E 51 11.27 2.51 -22.63
C VAL E 51 9.96 3.27 -22.70
N MET E 52 9.02 2.82 -23.55
CA MET E 52 7.72 3.48 -23.61
C MET E 52 6.97 3.37 -22.28
N ALA E 53 7.02 2.20 -21.64
CA ALA E 53 6.37 2.04 -20.34
C ALA E 53 7.00 2.96 -19.29
N LEU E 54 8.33 3.04 -19.30
CA LEU E 54 9.01 3.94 -18.37
C LEU E 54 8.59 5.39 -18.58
N GLN E 55 8.47 5.82 -19.84
CA GLN E 55 8.07 7.18 -20.12
C GLN E 55 6.63 7.45 -19.68
N GLU E 56 5.73 6.50 -19.92
CA GLU E 56 4.35 6.67 -19.48
C GLU E 56 4.27 6.83 -17.97
N ALA E 57 4.96 5.96 -17.22
CA ALA E 57 4.92 6.04 -15.77
C ALA E 57 5.52 7.35 -15.27
N SER E 58 6.63 7.79 -15.86
CA SER E 58 7.27 9.04 -15.43
C SER E 58 6.36 10.23 -15.66
N GLU E 59 5.71 10.29 -16.83
CA GLU E 59 4.82 11.41 -17.11
C GLU E 59 3.64 11.44 -16.14
N ALA E 60 3.04 10.27 -15.86
CA ALA E 60 1.94 10.24 -14.92
C ALA E 60 2.36 10.71 -13.54
N TYR E 61 3.53 10.24 -13.07
CA TYR E 61 4.02 10.62 -11.76
C TYR E 61 4.24 12.13 -11.67
N LEU E 62 4.87 12.71 -12.69
CA LEU E 62 5.16 14.14 -12.64
C LEU E 62 3.88 14.97 -12.69
N VAL E 63 2.90 14.55 -13.50
CA VAL E 63 1.64 15.30 -13.55
C VAL E 63 0.93 15.27 -12.20
N ALA E 64 0.87 14.10 -11.55
CA ALA E 64 0.23 14.03 -10.24
C ALA E 64 0.96 14.89 -9.21
N LEU E 65 2.29 14.85 -9.23
CA LEU E 65 3.07 15.68 -8.30
C LEU E 65 2.79 17.16 -8.53
N PHE E 66 2.67 17.58 -9.78
CA PHE E 66 2.38 18.98 -10.06
C PHE E 66 0.98 19.36 -9.60
N GLU E 67 0.02 18.44 -9.69
CA GLU E 67 -1.32 18.73 -9.14
C GLU E 67 -1.24 19.00 -7.64
N ASP E 68 -0.53 18.14 -6.91
CA ASP E 68 -0.40 18.35 -5.46
C ASP E 68 0.35 19.64 -5.14
N THR E 69 1.39 19.95 -5.92
CA THR E 69 2.15 21.18 -5.72
C THR E 69 1.29 22.41 -5.94
N ASN E 70 0.44 22.40 -6.97
CA ASN E 70 -0.45 23.52 -7.20
C ASN E 70 -1.45 23.68 -6.06
N LEU E 71 -1.95 22.57 -5.53
CA LEU E 71 -2.85 22.64 -4.38
C LEU E 71 -2.17 23.29 -3.18
N CYS E 72 -0.92 22.89 -2.89
CA CYS E 72 -0.16 23.51 -1.81
C CYS E 72 0.04 25.00 -2.05
N ALA E 73 0.37 25.37 -3.30
CA ALA E 73 0.61 26.78 -3.61
C ALA E 73 -0.64 27.61 -3.37
N ILE E 74 -1.81 27.08 -3.77
CA ILE E 74 -3.06 27.78 -3.52
C ILE E 74 -3.30 27.91 -2.02
N HIS E 75 -2.89 26.91 -1.23
CA HIS E 75 -3.13 26.96 0.21
C HIS E 75 -2.44 28.17 0.85
N ALA E 76 -1.22 28.50 0.41
CA ALA E 76 -0.47 29.61 0.98
C ALA E 76 -0.79 30.95 0.32
N LYS E 77 -1.96 31.07 -0.32
CA LYS E 77 -2.44 32.32 -0.91
C LYS E 77 -1.52 32.87 -1.99
N ARG E 78 -1.00 32.02 -2.86
CA ARG E 78 -0.17 32.43 -3.98
C ARG E 78 -0.76 31.89 -5.29
N VAL E 79 -0.08 32.20 -6.39
CA VAL E 79 -0.49 31.74 -7.71
C VAL E 79 0.67 31.01 -8.35
N THR E 80 1.90 31.34 -7.92
CA THR E 80 3.11 30.73 -8.47
C THR E 80 3.52 29.57 -7.60
N ILE E 81 3.89 28.45 -8.23
CA ILE E 81 4.45 27.33 -7.48
C ILE E 81 5.93 27.58 -7.24
N MET E 82 6.42 27.10 -6.10
CA MET E 82 7.79 27.30 -5.67
C MET E 82 8.34 25.98 -5.17
N PRO E 83 9.67 25.85 -5.06
CA PRO E 83 10.24 24.59 -4.56
C PRO E 83 9.73 24.16 -3.19
N LYS E 84 9.39 25.12 -2.32
CA LYS E 84 8.88 24.76 -1.00
C LYS E 84 7.56 24.03 -1.11
N ASP E 85 6.75 24.34 -2.13
CA ASP E 85 5.50 23.62 -2.33
C ASP E 85 5.75 22.18 -2.70
N ILE E 86 6.73 21.94 -3.58
CA ILE E 86 7.09 20.56 -3.95
C ILE E 86 7.59 19.81 -2.73
N GLN E 87 8.43 20.46 -1.92
CA GLN E 87 8.95 19.82 -0.72
C GLN E 87 7.83 19.45 0.26
N LEU E 88 6.88 20.37 0.48
CA LEU E 88 5.78 20.08 1.40
C LEU E 88 4.91 18.95 0.88
N ALA E 89 4.58 18.96 -0.42
CA ALA E 89 3.78 17.89 -0.97
C ALA E 89 4.47 16.54 -0.84
N ARG E 90 5.77 16.48 -1.17
CA ARG E 90 6.50 15.23 -1.09
C ARG E 90 6.66 14.76 0.36
N ARG E 91 6.70 15.70 1.31
CA ARG E 91 6.79 15.32 2.71
C ARG E 91 5.48 14.76 3.22
N ILE E 92 4.35 15.39 2.85
CA ILE E 92 3.05 14.87 3.29
C ILE E 92 2.77 13.52 2.66
N ARG E 93 3.11 13.34 1.38
CA ARG E 93 2.86 12.07 0.70
C ARG E 93 3.70 10.93 1.27
N GLY E 94 4.82 11.23 1.93
CA GLY E 94 5.64 10.23 2.54
C GLY E 94 6.90 9.85 1.78
N GLU E 95 7.23 10.56 0.70
CA GLU E 95 8.42 10.21 -0.07
C GLU E 95 9.69 10.73 0.59
N ARG E 96 9.77 12.05 0.80
CA ARG E 96 10.91 12.61 1.50
C ARG E 96 10.69 12.54 3.01
N ALA E 97 11.73 12.14 3.74
CA ALA E 97 11.66 12.02 5.18
C ALA E 97 11.48 13.39 5.84
N ASN F 1 22.10 12.77 -20.67
CA ASN F 1 22.14 13.73 -19.57
C ASN F 1 20.75 14.18 -19.14
N ILE F 2 20.67 14.66 -17.90
CA ILE F 2 19.39 15.12 -17.34
C ILE F 2 18.96 16.42 -18.02
N GLN F 3 19.90 17.13 -18.65
CA GLN F 3 19.58 18.40 -19.29
C GLN F 3 18.72 18.24 -20.53
N GLY F 4 18.54 17.03 -21.03
CA GLY F 4 17.65 16.81 -22.16
C GLY F 4 16.19 16.98 -21.83
N ILE F 5 15.86 17.05 -20.54
CA ILE F 5 14.52 17.38 -20.09
C ILE F 5 14.40 18.89 -20.06
N THR F 6 13.99 19.48 -21.17
CA THR F 6 14.09 20.92 -21.34
C THR F 6 13.03 21.64 -20.51
N LYS F 7 13.20 22.96 -20.44
CA LYS F 7 12.24 23.81 -19.73
C LYS F 7 10.84 23.77 -20.34
N PRO F 8 10.65 23.89 -21.66
CA PRO F 8 9.27 23.81 -22.19
C PRO F 8 8.58 22.49 -21.94
N ALA F 9 9.32 21.37 -21.88
CA ALA F 9 8.69 20.10 -21.55
C ALA F 9 8.13 20.11 -20.13
N ILE F 10 8.90 20.64 -19.18
CA ILE F 10 8.44 20.77 -17.81
C ILE F 10 7.25 21.70 -17.73
N ARG F 11 7.25 22.78 -18.53
CA ARG F 11 6.10 23.67 -18.55
C ARG F 11 4.85 22.96 -19.06
N ARG F 12 4.98 22.14 -20.10
CA ARG F 12 3.82 21.37 -20.58
C ARG F 12 3.31 20.40 -19.52
N LEU F 13 4.24 19.71 -18.85
CA LEU F 13 3.83 18.78 -17.78
C LEU F 13 3.11 19.52 -16.66
N ALA F 14 3.56 20.74 -16.35
CA ALA F 14 2.90 21.54 -15.32
C ALA F 14 1.52 22.02 -15.80
N ARG F 15 1.40 22.36 -17.08
CA ARG F 15 0.13 22.85 -17.60
C ARG F 15 -0.93 21.77 -17.63
N ARG F 16 -0.53 20.51 -17.83
CA ARG F 16 -1.51 19.44 -17.66
C ARG F 16 -1.99 19.35 -16.21
N GLY F 17 -1.13 19.71 -15.26
CA GLY F 17 -1.52 19.68 -13.86
C GLY F 17 -2.35 20.87 -13.42
N GLY F 18 -2.59 21.83 -14.31
CA GLY F 18 -3.37 23.00 -13.98
C GLY F 18 -2.59 24.19 -13.47
N VAL F 19 -1.27 24.11 -13.44
CA VAL F 19 -0.44 25.18 -12.90
C VAL F 19 -0.48 26.38 -13.85
N LYS F 20 -0.70 27.56 -13.29
CA LYS F 20 -0.87 28.77 -14.08
C LYS F 20 0.42 29.57 -14.24
N ARG F 21 1.21 29.69 -13.19
CA ARG F 21 2.41 30.52 -13.19
C ARG F 21 3.51 29.78 -12.45
N ILE F 22 4.72 29.78 -13.00
CA ILE F 22 5.79 28.92 -12.54
C ILE F 22 7.00 29.77 -12.16
N SER F 23 7.59 29.49 -11.01
CA SER F 23 8.82 30.14 -10.59
C SER F 23 9.98 29.69 -11.47
N GLY F 24 11.13 30.35 -11.29
CA GLY F 24 12.29 30.04 -12.09
C GLY F 24 13.12 28.88 -11.59
N LEU F 25 12.91 28.48 -10.33
CA LEU F 25 13.71 27.44 -9.70
C LEU F 25 13.02 26.09 -9.67
N ILE F 26 11.87 25.95 -10.32
CA ILE F 26 11.13 24.69 -10.35
C ILE F 26 11.87 23.63 -11.16
N TYR F 27 12.61 24.03 -12.18
CA TYR F 27 13.13 23.08 -13.15
C TYR F 27 14.18 22.15 -12.54
N GLU F 28 15.09 22.71 -11.74
CA GLU F 28 16.09 21.87 -11.10
C GLU F 28 15.47 20.88 -10.12
N GLU F 29 14.48 21.35 -9.35
CA GLU F 29 13.79 20.48 -8.41
C GLU F 29 13.08 19.33 -9.13
N THR F 30 12.41 19.65 -10.24
CA THR F 30 11.73 18.62 -11.03
C THR F 30 12.72 17.61 -11.58
N ARG F 31 13.87 18.08 -12.08
CA ARG F 31 14.87 17.16 -12.60
C ARG F 31 15.38 16.23 -11.50
N GLY F 32 15.60 16.77 -10.29
CA GLY F 32 16.05 15.92 -9.20
C GLY F 32 15.04 14.84 -8.83
N VAL F 33 13.77 15.22 -8.70
CA VAL F 33 12.78 14.21 -8.29
C VAL F 33 12.59 13.16 -9.39
N LEU F 34 12.60 13.59 -10.65
CA LEU F 34 12.48 12.63 -11.75
C LEU F 34 13.64 11.66 -11.76
N LYS F 35 14.86 12.16 -11.54
CA LYS F 35 16.02 11.29 -11.52
C LYS F 35 15.91 10.25 -10.39
N VAL F 36 15.47 10.67 -9.21
CA VAL F 36 15.34 9.74 -8.09
C VAL F 36 14.34 8.64 -8.42
N PHE F 37 13.17 9.03 -8.95
CA PHE F 37 12.14 8.06 -9.29
C PHE F 37 12.65 7.05 -10.32
N LEU F 38 13.32 7.54 -11.36
CA LEU F 38 13.85 6.65 -12.38
C LEU F 38 14.90 5.70 -11.82
N GLU F 39 15.77 6.18 -10.94
CA GLU F 39 16.77 5.27 -10.37
C GLU F 39 16.11 4.14 -9.61
N ASN F 40 15.09 4.45 -8.80
CA ASN F 40 14.44 3.39 -8.03
C ASN F 40 13.81 2.35 -8.95
N VAL F 41 13.02 2.81 -9.93
CA VAL F 41 12.31 1.87 -10.79
C VAL F 41 13.29 1.03 -11.62
N ILE F 42 14.33 1.68 -12.16
CA ILE F 42 15.29 0.96 -13.00
C ILE F 42 16.08 -0.05 -12.18
N ARG F 43 16.42 0.27 -10.92
CA ARG F 43 17.11 -0.70 -10.08
C ARG F 43 16.27 -1.95 -9.88
N ASP F 44 14.98 -1.76 -9.57
CA ASP F 44 14.11 -2.93 -9.39
C ASP F 44 13.99 -3.73 -10.68
N ALA F 45 13.83 -3.05 -11.82
CA ALA F 45 13.67 -3.75 -13.09
C ALA F 45 14.92 -4.54 -13.46
N VAL F 46 16.10 -3.97 -13.21
CA VAL F 46 17.34 -4.68 -13.51
C VAL F 46 17.51 -5.89 -12.60
N THR F 47 17.09 -5.78 -11.34
CA THR F 47 17.12 -6.96 -10.48
C THR F 47 16.24 -8.08 -11.04
N TYR F 48 15.02 -7.73 -11.45
CA TYR F 48 14.12 -8.74 -12.02
C TYR F 48 14.72 -9.36 -13.28
N THR F 49 15.34 -8.54 -14.12
CA THR F 49 15.97 -9.04 -15.34
C THR F 49 17.12 -9.97 -15.03
N GLU F 50 17.96 -9.62 -14.05
CA GLU F 50 19.16 -10.39 -13.79
C GLU F 50 18.83 -11.71 -13.10
N HIS F 51 17.71 -11.78 -12.39
CA HIS F 51 17.32 -13.08 -11.82
C HIS F 51 17.02 -14.10 -12.90
N ALA F 52 16.39 -13.68 -14.00
CA ALA F 52 16.00 -14.57 -15.08
C ALA F 52 17.15 -14.92 -16.02
N LYS F 53 18.37 -14.50 -15.72
CA LYS F 53 19.55 -14.81 -16.53
C LYS F 53 19.42 -14.29 -17.95
N ARG F 54 18.95 -13.06 -18.09
CA ARG F 54 18.78 -12.41 -19.38
C ARG F 54 19.68 -11.18 -19.46
N LYS F 55 19.89 -10.70 -20.68
CA LYS F 55 20.63 -9.46 -20.91
C LYS F 55 19.78 -8.37 -21.55
N THR F 56 18.48 -8.60 -21.70
CA THR F 56 17.56 -7.63 -22.29
C THR F 56 16.49 -7.29 -21.27
N VAL F 57 16.25 -6.00 -21.05
CA VAL F 57 15.22 -5.56 -20.12
C VAL F 57 13.90 -5.50 -20.88
N THR F 58 12.95 -6.35 -20.49
CA THR F 58 11.67 -6.44 -21.18
C THR F 58 10.66 -5.46 -20.58
N ALA F 59 9.45 -5.49 -21.14
CA ALA F 59 8.38 -4.65 -20.60
C ALA F 59 7.79 -5.24 -19.33
N MET F 60 7.81 -6.57 -19.19
CA MET F 60 7.22 -7.19 -18.01
C MET F 60 8.06 -6.91 -16.77
N ASP F 61 9.37 -6.76 -16.92
CA ASP F 61 10.21 -6.36 -15.80
C ASP F 61 9.79 -4.99 -15.28
N VAL F 62 9.55 -4.05 -16.19
CA VAL F 62 9.10 -2.72 -15.79
C VAL F 62 7.73 -2.80 -15.14
N VAL F 63 6.83 -3.62 -15.69
CA VAL F 63 5.50 -3.75 -15.12
C VAL F 63 5.56 -4.30 -13.71
N TYR F 64 6.40 -5.31 -13.48
CA TYR F 64 6.55 -5.87 -12.14
C TYR F 64 7.17 -4.88 -11.17
N ALA F 65 8.20 -4.13 -11.63
CA ALA F 65 8.83 -3.15 -10.77
C ALA F 65 7.88 -2.03 -10.39
N LEU F 66 7.01 -1.63 -11.32
CA LEU F 66 6.02 -0.60 -11.00
C LEU F 66 4.94 -1.15 -10.07
N LYS F 67 4.45 -2.37 -10.33
CA LYS F 67 3.46 -2.97 -9.45
C LYS F 67 4.01 -3.15 -8.04
N ARG F 68 5.32 -3.31 -7.91
CA ARG F 68 5.95 -3.43 -6.60
C ARG F 68 5.75 -2.18 -5.75
N GLN F 69 5.76 -1.00 -6.37
CA GLN F 69 5.68 0.27 -5.66
C GLN F 69 4.26 0.81 -5.57
N GLY F 70 3.26 -0.01 -5.85
CA GLY F 70 1.88 0.47 -5.86
C GLY F 70 1.59 1.45 -6.97
N ARG F 71 2.09 1.19 -8.16
CA ARG F 71 1.91 2.04 -9.33
C ARG F 71 1.52 1.20 -10.54
N THR F 72 0.50 0.36 -10.36
CA THR F 72 0.09 -0.60 -11.37
C THR F 72 -0.21 0.10 -12.70
N LEU F 73 0.29 -0.49 -13.79
CA LEU F 73 0.21 0.11 -15.11
C LEU F 73 -0.47 -0.86 -16.07
N TYR F 74 -1.47 -0.38 -16.81
CA TYR F 74 -2.26 -1.19 -17.72
C TYR F 74 -1.90 -0.88 -19.17
N GLY F 75 -1.87 -1.92 -20.00
CA GLY F 75 -1.71 -1.73 -21.42
C GLY F 75 -0.47 -2.32 -22.03
N PHE F 76 0.37 -2.97 -21.22
CA PHE F 76 1.64 -3.50 -21.70
C PHE F 76 1.75 -5.00 -21.44
N GLY F 77 0.71 -5.76 -21.75
CA GLY F 77 0.71 -7.20 -21.54
C GLY F 77 0.72 -7.62 -20.09
N GLY F 78 -0.01 -6.91 -19.24
CA GLY F 78 -0.04 -7.22 -17.82
C GLY F 78 -0.66 -8.56 -17.52
N ALA G 1 26.14 -32.78 16.56
CA ALA G 1 25.44 -31.83 15.70
C ALA G 1 24.34 -32.52 14.89
N LYS G 2 23.25 -32.89 15.59
CA LYS G 2 22.15 -33.56 14.92
C LYS G 2 21.20 -32.57 14.27
N THR G 3 20.79 -31.54 15.01
CA THR G 3 19.88 -30.54 14.46
C THR G 3 20.55 -29.78 13.32
N ARG G 4 19.75 -29.37 12.33
CA ARG G 4 20.28 -28.64 11.20
C ARG G 4 20.81 -27.27 11.61
N SER G 5 20.21 -26.66 12.64
CA SER G 5 20.68 -25.36 13.10
C SER G 5 22.11 -25.43 13.61
N SER G 6 22.44 -26.47 14.36
CA SER G 6 23.80 -26.63 14.87
C SER G 6 24.78 -26.89 13.73
N ARG G 7 24.36 -27.61 12.69
CA ARG G 7 25.20 -27.80 11.52
C ARG G 7 25.47 -26.48 10.82
N ALA G 8 24.44 -25.65 10.66
CA ALA G 8 24.57 -24.37 9.99
C ALA G 8 25.16 -23.29 10.88
N GLY G 9 25.32 -23.55 12.18
CA GLY G 9 25.82 -22.54 13.09
C GLY G 9 24.86 -21.39 13.35
N LEU G 10 23.58 -21.69 13.51
CA LEU G 10 22.55 -20.69 13.77
C LEU G 10 21.88 -20.94 15.10
N GLN G 11 21.02 -20.02 15.50
CA GLN G 11 20.18 -20.19 16.67
C GLN G 11 18.72 -20.46 16.32
N PHE G 12 18.25 -19.98 15.17
CA PHE G 12 16.87 -20.18 14.79
C PHE G 12 16.66 -21.60 14.26
N PRO G 13 15.42 -22.09 14.28
CA PRO G 13 15.17 -23.49 13.88
C PRO G 13 15.04 -23.62 12.37
N VAL G 14 15.90 -24.45 11.78
CA VAL G 14 15.79 -24.74 10.35
C VAL G 14 14.57 -25.61 10.06
N GLY G 15 14.32 -26.60 10.92
CA GLY G 15 13.24 -27.54 10.67
C GLY G 15 11.87 -26.90 10.74
N ARG G 16 11.66 -26.02 11.71
CA ARG G 16 10.37 -25.32 11.80
C ARG G 16 10.13 -24.43 10.60
N VAL G 17 11.17 -23.73 10.14
CA VAL G 17 11.01 -22.86 8.97
C VAL G 17 10.72 -23.71 7.73
N HIS G 18 11.36 -24.86 7.62
CA HIS G 18 11.07 -25.78 6.52
C HIS G 18 9.62 -26.23 6.56
N ARG G 19 9.14 -26.60 7.75
CA ARG G 19 7.75 -27.04 7.88
C ARG G 19 6.77 -25.93 7.51
N LEU G 20 7.04 -24.70 7.95
CA LEU G 20 6.16 -23.59 7.62
C LEU G 20 6.16 -23.29 6.13
N LEU G 21 7.34 -23.30 5.50
CA LEU G 21 7.40 -23.10 4.06
C LEU G 21 6.61 -24.17 3.32
N ARG G 22 6.72 -25.43 3.75
CA ARG G 22 5.99 -26.50 3.08
C ARG G 22 4.49 -26.35 3.27
N LYS G 23 4.04 -26.20 4.52
CA LYS G 23 2.63 -26.02 4.80
C LYS G 23 2.27 -24.55 4.92
N GLY G 24 2.67 -23.74 3.95
CA GLY G 24 2.22 -22.37 3.86
C GLY G 24 1.66 -22.03 2.49
N ASN G 25 1.72 -22.99 1.56
CA ASN G 25 1.19 -22.83 0.20
C ASN G 25 1.90 -21.72 -0.56
N TYR G 26 3.22 -21.86 -0.69
CA TYR G 26 4.02 -20.94 -1.49
C TYR G 26 4.50 -21.53 -2.80
N ALA G 27 4.81 -22.82 -2.83
CA ALA G 27 5.27 -23.47 -4.04
C ALA G 27 4.98 -24.96 -3.94
N GLU G 28 5.08 -25.64 -5.08
CA GLU G 28 4.86 -27.08 -5.11
C GLU G 28 5.97 -27.81 -4.36
N ARG G 29 7.21 -27.35 -4.49
CA ARG G 29 8.35 -27.95 -3.83
C ARG G 29 9.20 -26.88 -3.16
N VAL G 30 9.95 -27.28 -2.14
CA VAL G 30 10.87 -26.40 -1.44
C VAL G 30 12.25 -27.04 -1.43
N GLY G 31 13.26 -26.29 -1.84
CA GLY G 31 14.61 -26.81 -1.89
C GLY G 31 15.19 -27.04 -0.50
N ALA G 32 16.43 -27.54 -0.49
CA ALA G 32 17.10 -27.87 0.76
C ALA G 32 17.90 -26.71 1.35
N GLY G 33 18.06 -25.62 0.61
CA GLY G 33 18.85 -24.51 1.08
C GLY G 33 18.05 -23.28 1.47
N ALA G 34 16.77 -23.26 1.11
CA ALA G 34 15.93 -22.12 1.47
C ALA G 34 15.74 -21.95 2.97
N PRO G 35 15.41 -23.00 3.75
CA PRO G 35 15.26 -22.79 5.21
C PRO G 35 16.51 -22.26 5.87
N VAL G 36 17.69 -22.74 5.49
CA VAL G 36 18.93 -22.29 6.12
C VAL G 36 19.17 -20.81 5.84
N TYR G 37 19.01 -20.42 4.58
CA TYR G 37 19.24 -19.04 4.19
C TYR G 37 18.27 -18.11 4.90
N LEU G 38 16.99 -18.48 4.92
CA LEU G 38 15.97 -17.64 5.55
C LEU G 38 16.16 -17.54 7.06
N ALA G 39 16.53 -18.65 7.71
CA ALA G 39 16.79 -18.61 9.15
C ALA G 39 17.97 -17.70 9.46
N ALA G 40 19.03 -17.77 8.66
CA ALA G 40 20.17 -16.88 8.87
C ALA G 40 19.77 -15.42 8.75
N VAL G 41 18.98 -15.09 7.72
CA VAL G 41 18.55 -13.69 7.55
C VAL G 41 17.70 -13.23 8.73
N LEU G 42 16.76 -14.06 9.17
CA LEU G 42 15.89 -13.68 10.28
C LEU G 42 16.68 -13.47 11.57
N GLU G 43 17.64 -14.35 11.83
CA GLU G 43 18.47 -14.19 13.03
C GLU G 43 19.30 -12.92 12.96
N TYR G 44 19.86 -12.61 11.79
CA TYR G 44 20.63 -11.38 11.64
C TYR G 44 19.77 -10.16 11.95
N LEU G 45 18.55 -10.10 11.40
CA LEU G 45 17.69 -8.95 11.63
C LEU G 45 17.31 -8.82 13.10
N THR G 46 16.97 -9.94 13.75
CA THR G 46 16.62 -9.90 15.17
C THR G 46 17.78 -9.39 16.02
N ALA G 47 18.99 -9.88 15.79
CA ALA G 47 20.14 -9.42 16.55
C ALA G 47 20.40 -7.94 16.30
N GLU G 48 20.24 -7.50 15.04
CA GLU G 48 20.47 -6.09 14.71
C GLU G 48 19.52 -5.18 15.48
N ILE G 49 18.24 -5.56 15.58
CA ILE G 49 17.31 -4.73 16.33
C ILE G 49 17.60 -4.78 17.83
N LEU G 50 17.88 -5.97 18.36
CA LEU G 50 18.08 -6.09 19.80
C LEU G 50 19.32 -5.35 20.29
N GLU G 51 20.37 -5.26 19.47
CA GLU G 51 21.55 -4.50 19.88
C GLU G 51 21.20 -3.04 20.16
N LEU G 52 20.51 -2.40 19.22
CA LEU G 52 20.13 -1.00 19.40
C LEU G 52 19.15 -0.83 20.56
N ALA G 53 18.22 -1.78 20.71
CA ALA G 53 17.27 -1.69 21.82
C ALA G 53 17.99 -1.76 23.16
N GLY G 54 18.99 -2.65 23.28
CA GLY G 54 19.75 -2.73 24.51
C GLY G 54 20.54 -1.47 24.80
N ASN G 55 21.14 -0.89 23.76
CA ASN G 55 21.85 0.37 23.95
C ASN G 55 20.90 1.47 24.44
N ALA G 56 19.71 1.56 23.84
CA ALA G 56 18.74 2.57 24.26
C ALA G 56 18.29 2.34 25.69
N ALA G 57 18.07 1.08 26.07
CA ALA G 57 17.70 0.80 27.46
C ALA G 57 18.80 1.19 28.43
N ARG G 58 20.05 0.91 28.08
CA ARG G 58 21.16 1.29 28.95
C ARG G 58 21.31 2.81 29.04
N ASP G 59 20.88 3.53 28.01
CA ASP G 59 20.95 4.99 28.06
C ASP G 59 20.11 5.57 29.20
N ASN G 60 18.99 4.93 29.53
CA ASN G 60 18.07 5.41 30.55
C ASN G 60 18.29 4.74 31.90
N LYS G 61 19.40 4.02 32.06
CA LYS G 61 19.73 3.33 33.32
C LYS G 61 18.65 2.32 33.70
N LYS G 62 18.29 1.47 32.75
CA LYS G 62 17.32 0.41 32.96
C LYS G 62 17.93 -0.92 32.55
N THR G 63 17.49 -1.99 33.21
CA THR G 63 18.00 -3.32 32.88
C THR G 63 17.14 -4.05 31.85
N ARG G 64 15.82 -3.93 31.92
CA ARG G 64 14.92 -4.66 31.04
C ARG G 64 14.50 -3.80 29.87
N ILE G 65 14.19 -4.45 28.74
CA ILE G 65 13.75 -3.77 27.53
C ILE G 65 12.23 -3.69 27.56
N ILE G 66 11.69 -2.51 27.26
CA ILE G 66 10.25 -2.28 27.17
C ILE G 66 9.95 -1.78 25.77
N PRO G 67 8.69 -1.68 25.34
CA PRO G 67 8.42 -1.25 23.95
C PRO G 67 8.96 0.13 23.61
N ARG G 68 9.12 1.01 24.61
CA ARG G 68 9.66 2.34 24.34
C ARG G 68 11.05 2.25 23.73
N HIS G 69 11.89 1.36 24.26
CA HIS G 69 13.26 1.21 23.75
C HIS G 69 13.27 0.66 22.34
N LEU G 70 12.38 -0.29 22.04
CA LEU G 70 12.26 -0.81 20.68
C LEU G 70 11.85 0.30 19.71
N GLN G 71 10.86 1.11 20.10
CA GLN G 71 10.44 2.23 19.26
C GLN G 71 11.59 3.20 19.02
N LEU G 72 12.31 3.58 20.09
CA LEU G 72 13.42 4.52 19.94
C LEU G 72 14.50 3.96 19.02
N ALA G 73 14.86 2.69 19.21
CA ALA G 73 15.90 2.09 18.39
C ALA G 73 15.50 2.04 16.92
N VAL G 74 14.24 1.67 16.65
CA VAL G 74 13.79 1.58 15.26
C VAL G 74 13.75 2.96 14.61
N ARG G 75 13.22 3.95 15.33
CA ARG G 75 13.00 5.25 14.72
C ARG G 75 14.26 6.11 14.67
N ASN G 76 15.30 5.78 15.44
CA ASN G 76 16.54 6.55 15.34
C ASN G 76 17.43 6.08 14.19
N ASP G 77 17.29 4.84 13.76
CA ASP G 77 18.13 4.30 12.70
C ASP G 77 17.43 4.49 11.35
N GLU G 78 18.20 4.92 10.34
CA GLU G 78 17.59 5.32 9.07
C GLU G 78 16.99 4.12 8.34
N GLU G 79 17.75 3.04 8.17
CA GLU G 79 17.28 1.93 7.36
C GLU G 79 16.24 1.09 8.08
N LEU G 80 16.37 0.97 9.41
CA LEU G 80 15.33 0.28 10.18
C LEU G 80 14.03 1.06 10.14
N ASN G 81 14.11 2.40 10.15
CA ASN G 81 12.93 3.22 9.98
C ASN G 81 12.34 3.06 8.59
N LYS G 82 13.19 2.96 7.57
CA LYS G 82 12.70 2.80 6.20
C LYS G 82 12.01 1.47 6.01
N LEU G 83 12.53 0.40 6.63
CA LEU G 83 11.91 -0.91 6.52
C LEU G 83 10.55 -0.94 7.18
N LEU G 84 10.42 -0.31 8.35
CA LEU G 84 9.22 -0.40 9.18
C LEU G 84 8.51 0.95 9.27
N GLY G 85 8.38 1.63 8.12
CA GLY G 85 7.77 2.94 8.10
C GLY G 85 6.27 2.95 8.26
N ARG G 86 5.60 1.83 7.99
CA ARG G 86 4.15 1.72 8.10
C ARG G 86 3.72 0.73 9.18
N VAL G 87 4.44 0.73 10.31
CA VAL G 87 4.21 -0.22 11.39
C VAL G 87 3.99 0.55 12.68
N THR G 88 2.99 0.14 13.45
CA THR G 88 2.65 0.75 14.72
C THR G 88 3.08 -0.17 15.86
N ILE G 89 3.77 0.38 16.84
CA ILE G 89 4.24 -0.37 18.00
C ILE G 89 3.41 0.06 19.20
N ALA G 90 2.76 -0.90 19.85
CA ALA G 90 1.91 -0.60 21.00
C ALA G 90 2.75 -0.13 22.18
N GLN G 91 2.27 0.91 22.85
CA GLN G 91 2.95 1.56 23.97
C GLN G 91 4.32 2.08 23.59
N GLY G 92 4.52 2.48 22.33
CA GLY G 92 5.83 2.93 21.91
C GLY G 92 6.04 4.43 22.07
N GLY G 93 4.97 5.20 21.94
CA GLY G 93 5.08 6.64 22.00
C GLY G 93 5.54 7.25 20.68
N VAL G 94 6.07 8.46 20.77
CA VAL G 94 6.58 9.18 19.62
C VAL G 94 8.00 9.66 19.90
N LEU G 95 8.70 10.03 18.84
CA LEU G 95 10.04 10.56 18.98
C LEU G 95 9.99 12.04 19.35
N PRO G 96 10.68 12.44 20.42
CA PRO G 96 10.59 13.84 20.89
C PRO G 96 11.26 14.85 19.96
N ASN G 97 10.47 15.68 19.29
CA ASN G 97 11.00 16.79 18.52
C ASN G 97 10.01 17.95 18.49
N ILE G 98 10.54 19.15 18.31
CA ILE G 98 9.74 20.38 18.30
C ILE G 98 10.26 21.27 17.17
N GLN G 99 9.34 21.84 16.40
CA GLN G 99 9.73 22.68 15.28
C GLN G 99 10.32 24.00 15.77
N SER G 100 11.23 24.56 14.95
CA SER G 100 12.04 25.70 15.40
C SER G 100 11.20 26.95 15.58
N VAL G 101 10.24 27.20 14.69
CA VAL G 101 9.49 28.45 14.74
C VAL G 101 8.64 28.56 16.01
N LEU G 102 8.30 27.43 16.64
CA LEU G 102 7.51 27.48 17.86
C LEU G 102 8.35 27.78 19.10
N LEU G 103 9.67 27.68 19.00
CA LEU G 103 10.53 27.90 20.16
C LEU G 103 10.57 29.38 20.52
N PRO G 104 10.76 29.71 21.79
CA PRO G 104 10.78 31.11 22.20
C PRO G 104 11.96 31.87 21.62
N LYS G 105 11.75 33.16 21.40
CA LYS G 105 12.77 34.01 20.79
C LYS G 105 13.07 35.25 21.64
N THR H 1 -3.64 -26.90 24.66
CA THR H 1 -2.98 -27.18 23.40
C THR H 1 -1.59 -26.57 23.36
N ARG H 2 -0.95 -26.65 22.19
CA ARG H 2 0.39 -26.13 21.98
C ARG H 2 0.31 -24.87 21.13
N LYS H 3 0.99 -23.81 21.57
CA LYS H 3 1.10 -22.56 20.82
C LYS H 3 2.56 -22.33 20.47
N GLU H 4 2.85 -22.22 19.18
CA GLU H 4 4.22 -22.04 18.73
C GLU H 4 4.66 -20.60 18.93
N SER H 5 5.95 -20.39 19.19
CA SER H 5 6.47 -19.06 19.41
C SER H 5 7.97 -19.06 19.18
N TYR H 6 8.53 -17.86 19.04
CA TYR H 6 9.97 -17.65 18.86
C TYR H 6 10.64 -17.12 20.12
N ALA H 7 10.02 -17.29 21.28
CA ALA H 7 10.51 -16.65 22.49
C ALA H 7 11.90 -17.17 22.88
N ILE H 8 12.10 -18.48 22.80
CA ILE H 8 13.35 -19.06 23.26
C ILE H 8 14.51 -18.61 22.37
N TYR H 9 14.29 -18.57 21.05
CA TYR H 9 15.36 -18.16 20.14
C TYR H 9 15.69 -16.68 20.31
N VAL H 10 14.67 -15.84 20.50
CA VAL H 10 14.91 -14.43 20.75
C VAL H 10 15.71 -14.25 22.03
N TYR H 11 15.38 -15.03 23.07
CA TYR H 11 16.13 -14.93 24.32
C TYR H 11 17.59 -15.38 24.13
N LYS H 12 17.81 -16.43 23.35
CA LYS H 12 19.18 -16.87 23.09
C LYS H 12 19.98 -15.79 22.38
N VAL H 13 19.39 -15.17 21.35
CA VAL H 13 20.08 -14.11 20.62
C VAL H 13 20.37 -12.94 21.54
N LEU H 14 19.41 -12.57 22.39
CA LEU H 14 19.62 -11.45 23.29
C LEU H 14 20.75 -11.74 24.28
N LYS H 15 20.78 -12.95 24.84
CA LYS H 15 21.86 -13.29 25.76
C LYS H 15 23.22 -13.32 25.07
N GLN H 16 23.25 -13.63 23.76
CA GLN H 16 24.50 -13.47 23.02
C GLN H 16 24.88 -12.01 22.86
N VAL H 17 23.89 -11.15 22.62
CA VAL H 17 24.17 -9.74 22.34
C VAL H 17 24.45 -8.95 23.62
N HIS H 18 23.54 -8.99 24.58
CA HIS H 18 23.69 -8.30 25.87
C HIS H 18 23.56 -9.31 26.99
N PRO H 19 24.66 -9.82 27.52
CA PRO H 19 24.56 -10.90 28.54
C PRO H 19 23.90 -10.48 29.83
N ASP H 20 23.82 -9.17 30.12
CA ASP H 20 23.29 -8.67 31.40
C ASP H 20 22.08 -7.78 31.18
N THR H 21 21.14 -8.23 30.36
CA THR H 21 19.95 -7.47 30.04
C THR H 21 18.76 -8.41 29.92
N GLY H 22 17.59 -7.94 30.37
CA GLY H 22 16.36 -8.70 30.28
C GLY H 22 15.39 -8.06 29.30
N ILE H 23 14.22 -8.67 29.18
CA ILE H 23 13.19 -8.23 28.24
C ILE H 23 11.82 -8.49 28.86
N SER H 24 10.88 -7.60 28.58
CA SER H 24 9.53 -7.74 29.10
C SER H 24 8.73 -8.72 28.26
N SER H 25 7.47 -8.92 28.68
CA SER H 25 6.56 -9.76 27.91
C SER H 25 6.05 -9.06 26.66
N LYS H 26 5.73 -7.77 26.79
CA LYS H 26 5.22 -7.01 25.65
C LYS H 26 6.27 -6.84 24.56
N ALA H 27 7.53 -6.61 24.95
CA ALA H 27 8.60 -6.53 23.98
C ALA H 27 8.79 -7.86 23.24
N MET H 28 8.63 -8.99 23.94
CA MET H 28 8.76 -10.27 23.25
C MET H 28 7.59 -10.51 22.31
N SER H 29 6.40 -10.01 22.66
CA SER H 29 5.28 -10.08 21.73
C SER H 29 5.59 -9.28 20.46
N ILE H 30 6.17 -8.09 20.62
CA ILE H 30 6.54 -7.30 19.45
C ILE H 30 7.59 -8.03 18.61
N MET H 31 8.54 -8.70 19.27
CA MET H 31 9.51 -9.50 18.53
C MET H 31 8.87 -10.62 17.73
N ASN H 32 7.90 -11.33 18.32
CA ASN H 32 7.21 -12.38 17.59
C ASN H 32 6.48 -11.82 16.37
N SER H 33 5.78 -10.69 16.55
CA SER H 33 5.08 -10.08 15.42
C SER H 33 6.05 -9.68 14.32
N PHE H 34 7.21 -9.11 14.69
CA PHE H 34 8.18 -8.68 13.70
C PHE H 34 8.73 -9.85 12.91
N VAL H 35 9.06 -10.95 13.60
CA VAL H 35 9.61 -12.12 12.92
C VAL H 35 8.58 -12.70 11.96
N ASN H 36 7.32 -12.80 12.40
CA ASN H 36 6.29 -13.33 11.51
C ASN H 36 6.09 -12.44 10.28
N ASP H 37 6.07 -11.12 10.48
CA ASP H 37 5.87 -10.21 9.36
C ASP H 37 6.99 -10.34 8.32
N VAL H 38 8.24 -10.36 8.77
CA VAL H 38 9.35 -10.43 7.82
C VAL H 38 9.37 -11.77 7.11
N PHE H 39 9.09 -12.86 7.83
CA PHE H 39 8.99 -14.18 7.20
C PHE H 39 7.95 -14.15 6.07
N GLU H 40 6.77 -13.60 6.35
CA GLU H 40 5.70 -13.58 5.36
C GLU H 40 6.10 -12.77 4.14
N ARG H 41 6.72 -11.60 4.34
CA ARG H 41 7.13 -10.78 3.20
C ARG H 41 8.12 -11.51 2.30
N ILE H 42 9.17 -12.07 2.90
CA ILE H 42 10.20 -12.73 2.08
C ILE H 42 9.61 -13.93 1.36
N ALA H 43 8.80 -14.73 2.05
CA ALA H 43 8.21 -15.90 1.40
C ALA H 43 7.29 -15.52 0.26
N GLY H 44 6.52 -14.43 0.43
CA GLY H 44 5.66 -13.99 -0.66
C GLY H 44 6.42 -13.56 -1.90
N GLU H 45 7.50 -12.78 -1.71
CA GLU H 45 8.32 -12.44 -2.87
C GLU H 45 8.95 -13.66 -3.51
N ALA H 46 9.42 -14.62 -2.71
CA ALA H 46 10.00 -15.83 -3.31
C ALA H 46 8.97 -16.58 -4.13
N SER H 47 7.74 -16.70 -3.63
CA SER H 47 6.69 -17.40 -4.37
C SER H 47 6.38 -16.69 -5.69
N ARG H 48 6.24 -15.37 -5.64
CA ARG H 48 5.94 -14.62 -6.86
C ARG H 48 7.06 -14.75 -7.89
N LEU H 49 8.30 -14.67 -7.42
CA LEU H 49 9.45 -14.81 -8.32
C LEU H 49 9.48 -16.19 -8.97
N ALA H 50 9.20 -17.23 -8.20
CA ALA H 50 9.16 -18.57 -8.79
C ALA H 50 8.05 -18.68 -9.82
N HIS H 51 6.88 -18.09 -9.54
CA HIS H 51 5.76 -18.18 -10.47
C HIS H 51 6.04 -17.42 -11.77
N TYR H 52 6.74 -16.29 -11.68
CA TYR H 52 6.99 -15.48 -12.86
C TYR H 52 7.83 -16.21 -13.90
N ASN H 53 8.79 -17.02 -13.46
CA ASN H 53 9.70 -17.72 -14.35
C ASN H 53 9.27 -19.14 -14.67
N LYS H 54 8.06 -19.54 -14.23
CA LYS H 54 7.51 -20.86 -14.51
C LYS H 54 8.39 -21.97 -13.95
N ARG H 55 8.65 -21.89 -12.64
CA ARG H 55 9.39 -22.93 -11.91
C ARG H 55 8.53 -23.42 -10.77
N SER H 56 8.72 -24.69 -10.40
CA SER H 56 7.93 -25.31 -9.34
C SER H 56 8.64 -25.36 -8.00
N THR H 57 9.87 -24.86 -7.91
CA THR H 57 10.68 -25.01 -6.70
C THR H 57 11.13 -23.64 -6.22
N ILE H 58 11.15 -23.49 -4.90
CA ILE H 58 11.72 -22.29 -4.28
C ILE H 58 13.09 -22.67 -3.72
N THR H 59 14.15 -22.10 -4.29
CA THR H 59 15.50 -22.38 -3.88
C THR H 59 16.08 -21.20 -3.11
N SER H 60 17.36 -21.29 -2.75
CA SER H 60 17.99 -20.20 -2.03
C SER H 60 18.28 -19.01 -2.95
N ARG H 61 18.27 -19.23 -4.26
CA ARG H 61 18.43 -18.12 -5.20
C ARG H 61 17.22 -17.18 -5.17
N GLU H 62 16.01 -17.77 -5.11
CA GLU H 62 14.82 -16.95 -4.97
C GLU H 62 14.81 -16.20 -3.65
N ILE H 63 15.27 -16.84 -2.58
CA ILE H 63 15.34 -16.17 -1.29
C ILE H 63 16.33 -15.02 -1.34
N GLN H 64 17.47 -15.22 -2.00
CA GLN H 64 18.47 -14.16 -2.11
C GLN H 64 17.93 -12.97 -2.88
N THR H 65 17.25 -13.22 -4.01
CA THR H 65 16.70 -12.11 -4.77
C THR H 65 15.55 -11.43 -4.04
N ALA H 66 14.74 -12.16 -3.28
CA ALA H 66 13.70 -11.52 -2.49
C ALA H 66 14.29 -10.63 -1.41
N VAL H 67 15.34 -11.10 -0.73
CA VAL H 67 16.02 -10.28 0.26
C VAL H 67 16.62 -9.04 -0.40
N ARG H 68 17.20 -9.22 -1.58
CA ARG H 68 17.84 -8.12 -2.29
C ARG H 68 16.82 -7.08 -2.74
N LEU H 69 15.61 -7.51 -3.06
CA LEU H 69 14.54 -6.58 -3.41
C LEU H 69 13.99 -5.85 -2.20
N LEU H 70 13.78 -6.56 -1.08
CA LEU H 70 13.08 -5.95 0.05
C LEU H 70 13.98 -5.06 0.89
N LEU H 71 15.12 -5.58 1.35
CA LEU H 71 15.91 -4.84 2.32
C LEU H 71 16.68 -3.69 1.66
N PRO H 72 16.87 -2.59 2.38
CA PRO H 72 17.68 -1.49 1.85
C PRO H 72 19.16 -1.83 1.84
N GLY H 73 19.95 -0.93 1.26
CA GLY H 73 21.30 -1.24 0.78
C GLY H 73 22.26 -1.96 1.70
N GLU H 74 22.72 -1.30 2.78
CA GLU H 74 23.68 -1.92 3.67
C GLU H 74 23.07 -3.12 4.39
N LEU H 75 21.81 -2.97 4.80
CA LEU H 75 21.09 -4.06 5.45
C LEU H 75 20.99 -5.27 4.53
N ALA H 76 20.65 -5.05 3.26
CA ALA H 76 20.55 -6.14 2.30
C ALA H 76 21.90 -6.79 2.05
N LYS H 77 22.96 -5.99 1.95
CA LYS H 77 24.29 -6.55 1.73
C LYS H 77 24.69 -7.47 2.88
N HIS H 78 24.51 -6.99 4.12
CA HIS H 78 24.88 -7.80 5.27
C HIS H 78 24.03 -9.05 5.38
N ALA H 79 22.74 -8.94 5.10
CA ALA H 79 21.86 -10.10 5.15
C ALA H 79 22.27 -11.15 4.12
N VAL H 80 22.60 -10.71 2.90
CA VAL H 80 23.02 -11.64 1.86
C VAL H 80 24.31 -12.35 2.27
N SER H 81 25.26 -11.59 2.83
CA SER H 81 26.51 -12.20 3.28
C SER H 81 26.26 -13.25 4.36
N GLU H 82 25.42 -12.93 5.34
CA GLU H 82 25.12 -13.88 6.41
C GLU H 82 24.48 -15.14 5.87
N GLY H 83 23.50 -15.00 4.96
CA GLY H 83 22.85 -16.17 4.41
C GLY H 83 23.78 -17.05 3.61
N THR H 84 24.63 -16.45 2.78
CA THR H 84 25.59 -17.24 2.02
C THR H 84 26.57 -17.97 2.92
N LYS H 85 27.06 -17.30 3.97
CA LYS H 85 27.96 -17.96 4.92
C LYS H 85 27.27 -19.14 5.59
N ALA H 86 26.01 -18.98 5.99
CA ALA H 86 25.30 -20.08 6.65
C ALA H 86 25.10 -21.25 5.70
N VAL H 87 24.74 -20.98 4.45
CA VAL H 87 24.52 -22.08 3.50
C VAL H 87 25.83 -22.80 3.21
N THR H 88 26.93 -22.05 3.07
CA THR H 88 28.23 -22.70 2.86
C THR H 88 28.61 -23.58 4.03
N LYS H 89 28.40 -23.09 5.26
CA LYS H 89 28.70 -23.91 6.44
C LYS H 89 27.85 -25.16 6.48
N TYR H 90 26.56 -25.04 6.16
CA TYR H 90 25.68 -26.20 6.17
C TYR H 90 26.12 -27.23 5.13
N THR H 91 26.43 -26.79 3.92
CA THR H 91 26.78 -27.72 2.86
C THR H 91 28.12 -28.40 3.13
N SER H 92 29.11 -27.65 3.64
CA SER H 92 30.43 -28.22 3.86
C SER H 92 30.38 -29.35 4.90
N ALA H 93 29.61 -29.16 5.97
CA ALA H 93 29.50 -30.18 7.01
C ALA H 93 28.21 -30.97 6.86
#